data_8XTV
#
_entry.id   8XTV
#
_cell.length_a   59.397
_cell.length_b   84.270
_cell.length_c   78.422
_cell.angle_alpha   90.00
_cell.angle_beta   102.78
_cell.angle_gamma   90.00
#
_symmetry.space_group_name_H-M   'P 1 21 1'
#
loop_
_entity.id
_entity.type
_entity.pdbx_description
1 polymer '4-hydroxyphenylpyruvate dioxygenase'
2 non-polymer 'COBALT (II) ION'
3 non-polymer [3-ethyl-1-methyl-2,2-bis(oxidanylidene)-2$l^{6},1,3-benzothiadiazol-5-yl]-(1-methyl-5-oxidanyl-pyrazol-4-yl)methanone
4 water water
#
_entity_poly.entity_id   1
_entity_poly.type   'polypeptide(L)'
_entity_poly.pdbx_seq_one_letter_code
;MTTYTDKGPKPDGGKFLCFDHITFYVGNAKQAASYYTTRMGFTELAYQGLETGSRKLAKHVVRQNKIVFVFVSAYEPDNT
ELGAHLVRHGDGVKDVAFTVEDLDVIVKRAKQRGAEVVRDIWEESDEFGTVRFATVKTYGDTQHTFVERKNYKGLFLPGY
KAPLYDDVLAKQLPATHLDFIDHVVGNQPDLQMESVAAWYEKVLMFHRFWSVDDSQIHTEYSALRSIVMTNYEETVKMPI
NEPAKGKKKSQIEEYVDYYGGAGVQHIALNTSDIITAIENLRARGMHFLSVPNTYYDQLRERLKSSKVKIQEDMDTLQKL
NILIDYDEDGYLLQIFTKNMQDRPTLFLEVIQRHGHNGFGAGNFKALFEAIEADQDKRGNL
;
_entity_poly.pdbx_strand_id   A,B
#
# COMPACT_ATOMS: atom_id res chain seq x y z
N TYR A 4 14.29 37.29 -19.16
CA TYR A 4 13.84 38.10 -20.27
C TYR A 4 13.31 37.25 -21.45
N THR A 5 12.12 36.69 -21.26
CA THR A 5 11.43 35.89 -22.27
C THR A 5 10.03 36.45 -22.48
N ASP A 6 9.40 36.05 -23.58
CA ASP A 6 7.99 36.42 -23.79
C ASP A 6 7.13 35.44 -22.98
N LYS A 7 6.60 35.91 -21.86
CA LYS A 7 5.75 35.08 -21.02
C LYS A 7 4.26 35.24 -21.35
N GLY A 8 3.94 35.85 -22.50
CA GLY A 8 2.57 36.11 -22.85
C GLY A 8 1.97 37.22 -22.02
N PRO A 9 0.66 37.42 -22.15
CA PRO A 9 -0.01 38.50 -21.42
C PRO A 9 0.10 38.29 -19.91
N LYS A 10 0.32 39.38 -19.19
CA LYS A 10 0.36 39.32 -17.74
C LYS A 10 -1.07 39.13 -17.23
N PRO A 11 -1.31 38.14 -16.35
CA PRO A 11 -2.67 37.94 -15.85
C PRO A 11 -3.12 39.15 -15.04
N ASP A 12 -4.31 39.63 -15.37
CA ASP A 12 -4.95 40.68 -14.58
C ASP A 12 -5.53 40.02 -13.33
N GLY A 13 -4.71 39.93 -12.30
CA GLY A 13 -5.17 39.35 -11.05
C GLY A 13 -5.03 37.84 -11.00
N GLY A 14 -4.81 37.34 -9.79
CA GLY A 14 -4.63 35.92 -9.59
C GLY A 14 -3.17 35.54 -9.64
N LYS A 15 -2.75 34.66 -8.74
CA LYS A 15 -1.37 34.22 -8.69
C LYS A 15 -1.36 32.75 -8.27
N PHE A 16 -0.63 31.93 -9.02
CA PHE A 16 -0.33 30.56 -8.62
C PHE A 16 1.01 30.57 -7.90
N LEU A 17 0.99 30.39 -6.58
CA LEU A 17 2.18 30.61 -5.77
C LEU A 17 3.17 29.45 -5.88
N CYS A 18 2.69 28.22 -5.78
CA CYS A 18 3.51 27.04 -5.65
C CYS A 18 2.57 25.85 -5.62
N PHE A 19 3.15 24.64 -5.67
CA PHE A 19 2.35 23.45 -5.48
C PHE A 19 1.88 23.40 -4.04
N ASP A 20 0.59 23.18 -3.81
CA ASP A 20 0.14 23.10 -2.42
C ASP A 20 0.32 21.69 -1.87
N HIS A 21 -0.20 20.70 -2.60
CA HIS A 21 -0.05 19.30 -2.24
C HIS A 21 -0.46 18.47 -3.45
N ILE A 22 -0.15 17.18 -3.40
CA ILE A 22 -0.63 16.20 -4.37
C ILE A 22 -1.49 15.20 -3.64
N THR A 23 -2.71 14.98 -4.12
CA THR A 23 -3.64 14.02 -3.53
C THR A 23 -3.68 12.78 -4.40
N PHE A 24 -3.47 11.63 -3.78
CA PHE A 24 -3.52 10.33 -4.45
C PHE A 24 -4.82 9.63 -4.05
N TYR A 25 -5.51 9.05 -5.03
CA TYR A 25 -6.56 8.08 -4.75
C TYR A 25 -5.94 6.69 -4.76
N VAL A 26 -5.99 5.97 -3.64
CA VAL A 26 -5.30 4.68 -3.51
C VAL A 26 -6.16 3.65 -2.80
N GLY A 27 -5.79 2.38 -3.00
CA GLY A 27 -6.53 1.30 -2.38
C GLY A 27 -6.41 1.25 -0.88
N ASN A 28 -5.25 1.63 -0.34
CA ASN A 28 -5.01 1.52 1.11
C ASN A 28 -4.18 2.72 1.56
N ALA A 29 -4.87 3.79 1.96
CA ALA A 29 -4.16 5.03 2.27
C ALA A 29 -3.26 4.90 3.48
N LYS A 30 -3.67 4.12 4.48
CA LYS A 30 -2.79 3.87 5.62
C LYS A 30 -1.49 3.21 5.17
N GLN A 31 -1.59 2.17 4.34
CA GLN A 31 -0.39 1.50 3.89
C GLN A 31 0.40 2.34 2.88
N ALA A 32 -0.29 3.19 2.11
CA ALA A 32 0.41 4.06 1.16
C ALA A 32 1.24 5.10 1.87
N ALA A 33 0.67 5.78 2.86
CA ALA A 33 1.43 6.74 3.65
C ALA A 33 2.66 6.09 4.25
N SER A 34 2.52 4.85 4.72
CA SER A 34 3.65 4.11 5.27
C SER A 34 4.71 3.83 4.22
N TYR A 35 4.30 3.53 2.98
CA TYR A 35 5.28 3.36 1.90
C TYR A 35 6.11 4.63 1.72
N TYR A 36 5.44 5.78 1.64
CA TYR A 36 6.16 7.01 1.33
C TYR A 36 6.94 7.55 2.53
N THR A 37 6.48 7.33 3.76
CA THR A 37 7.31 7.74 4.89
C THR A 37 8.52 6.84 5.00
N THR A 38 8.31 5.52 5.02
CA THR A 38 9.40 4.57 5.16
C THR A 38 10.39 4.66 3.98
N ARG A 39 9.88 4.58 2.75
CA ARG A 39 10.74 4.46 1.56
C ARG A 39 11.27 5.80 1.08
N MET A 40 10.46 6.85 1.12
CA MET A 40 10.80 8.10 0.43
C MET A 40 11.14 9.24 1.37
N GLY A 41 11.15 9.03 2.69
CA GLY A 41 11.66 10.05 3.59
C GLY A 41 10.65 11.04 4.12
N PHE A 42 9.36 10.80 3.90
CA PHE A 42 8.30 11.65 4.41
C PHE A 42 8.00 11.33 5.88
N THR A 43 7.25 12.21 6.51
CA THR A 43 6.78 12.07 7.88
C THR A 43 5.27 12.25 7.84
N GLU A 44 4.52 11.39 8.53
CA GLU A 44 3.08 11.60 8.53
C GLU A 44 2.78 12.85 9.36
N LEU A 45 2.03 13.76 8.76
CA LEU A 45 1.77 15.09 9.30
C LEU A 45 0.38 15.24 9.92
N ALA A 46 -0.65 14.68 9.28
CA ALA A 46 -2.01 14.93 9.70
C ALA A 46 -2.92 13.87 9.11
N TYR A 47 -4.15 13.85 9.60
CA TYR A 47 -5.06 12.73 9.42
C TYR A 47 -6.49 13.23 9.45
N GLN A 48 -7.34 12.61 8.63
CA GLN A 48 -8.78 12.71 8.74
C GLN A 48 -9.33 11.31 8.58
N GLY A 49 -10.29 10.94 9.42
CA GLY A 49 -10.85 9.61 9.36
C GLY A 49 -12.00 9.46 10.34
N LEU A 50 -12.43 8.22 10.54
CA LEU A 50 -13.55 7.94 11.46
C LEU A 50 -13.34 8.62 12.80
N GLU A 51 -12.15 8.47 13.37
CA GLU A 51 -11.82 9.01 14.67
C GLU A 51 -11.85 10.53 14.71
N THR A 52 -11.92 11.21 13.56
CA THR A 52 -12.00 12.66 13.53
C THR A 52 -13.35 13.16 13.02
N GLY A 53 -14.29 12.27 12.73
CA GLY A 53 -15.58 12.67 12.21
C GLY A 53 -15.73 12.55 10.71
N SER A 54 -14.67 12.17 9.99
CA SER A 54 -14.71 11.98 8.54
C SER A 54 -15.19 10.55 8.28
N ARG A 55 -16.46 10.40 7.87
CA ARG A 55 -17.05 9.07 7.86
C ARG A 55 -16.99 8.39 6.50
N LYS A 56 -16.78 9.13 5.41
CA LYS A 56 -16.71 8.53 4.09
C LYS A 56 -15.28 8.31 3.59
N LEU A 57 -14.35 9.18 3.95
CA LEU A 57 -12.99 9.15 3.42
C LEU A 57 -11.98 9.15 4.53
N ALA A 58 -10.94 8.31 4.38
CA ALA A 58 -9.77 8.36 5.22
C ALA A 58 -8.67 9.07 4.45
N LYS A 59 -8.00 10.02 5.10
CA LYS A 59 -6.97 10.83 4.44
C LYS A 59 -5.72 10.87 5.31
N HIS A 60 -4.59 10.42 4.74
CA HIS A 60 -3.30 10.48 5.42
C HIS A 60 -2.42 11.52 4.73
N VAL A 61 -1.99 12.54 5.47
CA VAL A 61 -1.13 13.60 4.94
C VAL A 61 0.30 13.35 5.38
N VAL A 62 1.23 13.29 4.41
CA VAL A 62 2.64 13.11 4.72
C VAL A 62 3.41 14.27 4.12
N ARG A 63 4.50 14.66 4.79
CA ARG A 63 5.23 15.85 4.36
C ARG A 63 6.73 15.60 4.42
N GLN A 64 7.45 16.25 3.51
CA GLN A 64 8.92 16.31 3.56
C GLN A 64 9.30 17.72 3.14
N ASN A 65 9.76 18.52 4.11
CA ASN A 65 9.96 19.96 3.92
C ASN A 65 8.71 20.58 3.31
N LYS A 66 8.77 21.07 2.06
CA LYS A 66 7.60 21.69 1.46
C LYS A 66 6.72 20.71 0.68
N ILE A 67 7.17 19.47 0.47
CA ILE A 67 6.43 18.48 -0.32
C ILE A 67 5.33 17.87 0.56
N VAL A 68 4.09 17.98 0.12
CA VAL A 68 2.96 17.42 0.85
C VAL A 68 2.20 16.49 -0.08
N PHE A 69 2.12 15.22 0.31
CA PHE A 69 1.34 14.19 -0.38
C PHE A 69 0.17 13.79 0.51
N VAL A 70 -1.03 13.68 -0.06
CA VAL A 70 -2.22 13.25 0.68
C VAL A 70 -2.72 11.95 0.06
N PHE A 71 -2.95 10.93 0.90
CA PHE A 71 -3.40 9.63 0.44
C PHE A 71 -4.82 9.40 0.95
N VAL A 72 -5.72 9.04 0.04
CA VAL A 72 -7.16 8.99 0.33
C VAL A 72 -7.70 7.62 -0.06
N SER A 73 -8.55 7.05 0.78
CA SER A 73 -9.25 5.81 0.52
C SER A 73 -10.68 5.94 1.04
N ALA A 74 -11.61 5.21 0.41
CA ALA A 74 -13.00 5.19 0.88
C ALA A 74 -13.16 4.25 2.07
N TYR A 75 -14.07 4.61 2.97
CA TYR A 75 -14.45 3.75 4.08
C TYR A 75 -15.54 2.74 3.71
N GLU A 76 -16.39 3.07 2.75
CA GLU A 76 -17.59 2.28 2.58
C GLU A 76 -17.54 1.44 1.31
N PRO A 77 -18.20 0.28 1.33
CA PRO A 77 -18.36 -0.52 0.12
C PRO A 77 -18.97 0.30 -1.01
N ASP A 78 -18.48 0.04 -2.22
CA ASP A 78 -19.09 0.52 -3.45
C ASP A 78 -19.22 2.05 -3.47
N ASN A 79 -18.19 2.72 -2.96
CA ASN A 79 -18.02 4.14 -3.21
C ASN A 79 -17.77 4.29 -4.72
N THR A 80 -18.74 4.88 -5.42
CA THR A 80 -18.73 4.88 -6.88
C THR A 80 -17.50 5.58 -7.43
N GLU A 81 -17.24 6.80 -6.95
CA GLU A 81 -16.25 7.67 -7.57
C GLU A 81 -14.83 7.14 -7.32
N LEU A 82 -14.50 6.85 -6.07
CA LEU A 82 -13.16 6.35 -5.77
C LEU A 82 -13.00 4.94 -6.29
N GLY A 83 -14.06 4.13 -6.19
CA GLY A 83 -13.99 2.77 -6.68
C GLY A 83 -13.63 2.69 -8.16
N ALA A 84 -14.33 3.46 -8.99
CA ALA A 84 -14.06 3.39 -10.43
C ALA A 84 -12.64 3.88 -10.73
N HIS A 85 -12.20 4.91 -10.02
CA HIS A 85 -10.84 5.42 -10.22
C HIS A 85 -9.81 4.34 -9.90
N LEU A 86 -10.02 3.64 -8.79
CA LEU A 86 -9.12 2.56 -8.39
C LEU A 86 -9.08 1.44 -9.42
N VAL A 87 -10.26 0.98 -9.86
CA VAL A 87 -10.31 -0.12 -10.83
C VAL A 87 -9.70 0.30 -12.16
N ARG A 88 -9.94 1.55 -12.57
CA ARG A 88 -9.45 1.99 -13.88
C ARG A 88 -7.94 2.22 -13.86
N HIS A 89 -7.43 2.88 -12.82
CA HIS A 89 -6.07 3.42 -12.84
C HIS A 89 -5.06 2.68 -11.97
N GLY A 90 -5.51 1.93 -10.97
CA GLY A 90 -4.59 1.57 -9.91
C GLY A 90 -4.38 2.81 -9.03
N ASP A 91 -3.46 2.68 -8.07
CA ASP A 91 -3.10 3.82 -7.24
C ASP A 91 -2.55 4.92 -8.11
N GLY A 92 -3.02 6.14 -7.94
CA GLY A 92 -2.47 7.23 -8.74
C GLY A 92 -2.88 8.58 -8.22
N VAL A 93 -2.31 9.61 -8.85
CA VAL A 93 -2.59 11.00 -8.49
C VAL A 93 -3.99 11.38 -8.96
N LYS A 94 -4.77 11.95 -8.06
CA LYS A 94 -6.09 12.49 -8.33
C LYS A 94 -6.09 14.02 -8.49
N ASP A 95 -5.30 14.72 -7.69
CA ASP A 95 -5.42 16.17 -7.58
C ASP A 95 -4.02 16.77 -7.49
N VAL A 96 -3.72 17.69 -8.40
CA VAL A 96 -2.52 18.51 -8.32
C VAL A 96 -2.99 19.87 -7.83
N ALA A 97 -2.77 20.16 -6.54
CA ALA A 97 -3.31 21.35 -5.91
C ALA A 97 -2.30 22.48 -5.90
N PHE A 98 -2.78 23.69 -6.22
CA PHE A 98 -1.98 24.90 -6.23
C PHE A 98 -2.37 25.82 -5.08
N THR A 99 -1.36 26.37 -4.40
CA THR A 99 -1.57 27.51 -3.52
C THR A 99 -1.79 28.76 -4.35
N VAL A 100 -2.91 29.46 -4.14
CA VAL A 100 -3.26 30.60 -5.00
C VAL A 100 -3.48 31.85 -4.16
N GLU A 101 -3.34 32.99 -4.83
CA GLU A 101 -3.81 34.28 -4.35
C GLU A 101 -4.94 34.75 -5.25
N ASP A 102 -5.95 35.39 -4.65
CA ASP A 102 -7.09 35.94 -5.36
C ASP A 102 -7.86 34.83 -6.09
N LEU A 103 -8.41 33.93 -5.27
CA LEU A 103 -9.14 32.78 -5.80
C LEU A 103 -10.29 33.20 -6.71
N ASP A 104 -11.05 34.22 -6.31
CA ASP A 104 -12.23 34.63 -7.08
C ASP A 104 -11.89 34.91 -8.53
N VAL A 105 -10.87 35.72 -8.78
CA VAL A 105 -10.54 36.08 -10.16
C VAL A 105 -10.02 34.85 -10.92
N ILE A 106 -9.19 34.02 -10.29
CA ILE A 106 -8.73 32.79 -10.93
C ILE A 106 -9.90 31.90 -11.30
N VAL A 107 -10.83 31.70 -10.35
CA VAL A 107 -12.00 30.84 -10.62
C VAL A 107 -12.89 31.49 -11.67
N LYS A 108 -13.14 32.79 -11.55
CA LYS A 108 -13.94 33.48 -12.56
C LYS A 108 -13.36 33.28 -13.95
N ARG A 109 -12.04 33.51 -14.09
CA ARG A 109 -11.43 33.36 -15.40
C ARG A 109 -11.53 31.92 -15.90
N ALA A 110 -11.25 30.94 -15.04
CA ALA A 110 -11.29 29.55 -15.46
C ALA A 110 -12.69 29.16 -15.93
N LYS A 111 -13.72 29.48 -15.12
CA LYS A 111 -15.09 29.18 -15.49
C LYS A 111 -15.48 29.87 -16.78
N GLN A 112 -15.11 31.14 -16.94
CA GLN A 112 -15.41 31.86 -18.17
C GLN A 112 -14.82 31.18 -19.39
N ARG A 113 -13.63 30.60 -19.25
CA ARG A 113 -12.94 30.00 -20.40
C ARG A 113 -13.26 28.52 -20.58
N GLY A 114 -14.28 28.02 -19.89
CA GLY A 114 -14.77 26.68 -20.14
C GLY A 114 -14.23 25.59 -19.25
N ALA A 115 -13.62 25.92 -18.12
CA ALA A 115 -13.19 24.91 -17.15
C ALA A 115 -14.38 24.07 -16.70
N GLU A 116 -14.21 22.75 -16.67
CA GLU A 116 -15.22 21.89 -16.07
C GLU A 116 -15.07 21.92 -14.56
N VAL A 117 -16.08 22.44 -13.87
CA VAL A 117 -15.97 22.64 -12.43
C VAL A 117 -16.32 21.34 -11.72
N VAL A 118 -15.43 20.90 -10.84
CA VAL A 118 -15.71 19.75 -9.97
C VAL A 118 -16.47 20.18 -8.73
N ARG A 119 -16.00 21.24 -8.09
CA ARG A 119 -16.70 21.83 -6.96
C ARG A 119 -16.43 23.33 -7.01
N ASP A 120 -17.50 24.11 -7.15
CA ASP A 120 -17.42 25.57 -7.16
C ASP A 120 -16.87 26.06 -5.82
N ILE A 121 -16.57 27.36 -5.76
CA ILE A 121 -15.90 27.93 -4.58
C ILE A 121 -16.65 27.53 -3.32
N TRP A 122 -15.90 27.03 -2.34
CA TRP A 122 -16.44 26.68 -1.03
C TRP A 122 -15.37 26.99 -0.01
N GLU A 123 -15.73 26.94 1.28
CA GLU A 123 -14.69 27.20 2.26
C GLU A 123 -14.94 26.35 3.51
N GLU A 124 -13.87 26.19 4.27
CA GLU A 124 -13.86 25.38 5.47
C GLU A 124 -13.02 26.11 6.51
N SER A 125 -13.44 26.00 7.77
CA SER A 125 -12.80 26.70 8.87
C SER A 125 -12.68 25.77 10.06
N ASP A 126 -11.64 26.00 10.88
CA ASP A 126 -11.57 25.43 12.21
C ASP A 126 -10.96 26.49 13.11
N GLU A 127 -10.44 26.07 14.27
CA GLU A 127 -9.95 27.03 15.25
C GLU A 127 -8.78 27.83 14.73
N PHE A 128 -8.12 27.37 13.67
CA PHE A 128 -6.92 28.04 13.18
C PHE A 128 -7.20 29.01 12.05
N GLY A 129 -8.40 29.00 11.47
CA GLY A 129 -8.73 29.96 10.45
C GLY A 129 -9.56 29.35 9.36
N THR A 130 -9.63 30.07 8.24
CA THR A 130 -10.48 29.73 7.11
C THR A 130 -9.60 29.51 5.89
N VAL A 131 -9.97 28.55 5.06
CA VAL A 131 -9.35 28.36 3.75
C VAL A 131 -10.46 28.21 2.72
N ARG A 132 -10.30 28.87 1.59
CA ARG A 132 -11.26 28.77 0.50
C ARG A 132 -10.64 27.95 -0.63
N PHE A 133 -11.51 27.23 -1.35
CA PHE A 133 -11.08 26.28 -2.37
C PHE A 133 -12.01 26.36 -3.56
N ALA A 134 -11.48 25.94 -4.72
CA ALA A 134 -12.31 25.51 -5.84
C ALA A 134 -11.56 24.41 -6.57
N THR A 135 -12.31 23.58 -7.29
CA THR A 135 -11.72 22.44 -7.99
C THR A 135 -12.23 22.38 -9.42
N VAL A 136 -11.30 22.33 -10.38
CA VAL A 136 -11.62 22.15 -11.79
C VAL A 136 -10.94 20.89 -12.30
N LYS A 137 -11.49 20.32 -13.37
CA LYS A 137 -10.88 19.18 -14.03
C LYS A 137 -9.72 19.63 -14.89
N THR A 138 -8.68 18.80 -14.95
CA THR A 138 -7.71 18.91 -16.03
C THR A 138 -7.73 17.59 -16.80
N TYR A 139 -6.57 17.12 -17.29
CA TYR A 139 -6.57 16.00 -18.20
C TYR A 139 -6.98 14.70 -17.49
N GLY A 140 -7.54 13.77 -18.26
CA GLY A 140 -7.95 12.48 -17.71
C GLY A 140 -8.96 12.63 -16.58
N ASP A 141 -8.71 11.90 -15.48
CA ASP A 141 -9.47 12.00 -14.24
C ASP A 141 -8.78 12.91 -13.23
N THR A 142 -7.75 13.62 -13.65
CA THR A 142 -6.98 14.48 -12.76
C THR A 142 -7.68 15.83 -12.61
N GLN A 143 -7.51 16.43 -11.42
CA GLN A 143 -8.17 17.70 -11.12
C GLN A 143 -7.15 18.62 -10.47
N HIS A 144 -7.48 19.92 -10.47
CA HIS A 144 -6.73 20.94 -9.76
C HIS A 144 -7.61 21.58 -8.71
N THR A 145 -7.25 21.45 -7.44
CA THR A 145 -7.84 22.25 -6.39
C THR A 145 -6.97 23.48 -6.14
N PHE A 146 -7.58 24.66 -6.24
CA PHE A 146 -6.91 25.91 -5.90
C PHE A 146 -7.11 26.18 -4.42
N VAL A 147 -6.01 26.36 -3.69
CA VAL A 147 -6.04 26.48 -2.24
C VAL A 147 -5.62 27.91 -1.90
N GLU A 148 -6.61 28.76 -1.59
CA GLU A 148 -6.34 30.12 -1.13
C GLU A 148 -5.99 30.01 0.34
N ARG A 149 -4.75 29.60 0.57
CA ARG A 149 -4.27 29.24 1.90
C ARG A 149 -3.96 30.46 2.75
N LYS A 150 -3.70 31.61 2.11
CA LYS A 150 -3.31 32.83 2.79
C LYS A 150 -2.22 32.51 3.81
N ASN A 151 -2.54 32.61 5.09
CA ASN A 151 -1.58 32.32 6.14
C ASN A 151 -2.21 31.43 7.21
N TYR A 152 -3.04 30.47 6.77
CA TYR A 152 -3.67 29.51 7.66
C TYR A 152 -2.65 28.89 8.61
N LYS A 153 -3.06 28.72 9.88
CA LYS A 153 -2.14 28.44 10.96
C LYS A 153 -2.20 27.00 11.47
N GLY A 154 -3.11 26.17 10.96
CA GLY A 154 -3.24 24.79 11.38
C GLY A 154 -2.16 23.89 10.80
N LEU A 155 -2.34 22.58 11.02
CA LEU A 155 -1.30 21.62 10.65
C LEU A 155 -1.12 21.56 9.13
N PHE A 156 -2.23 21.55 8.40
CA PHE A 156 -2.21 21.40 6.96
C PHE A 156 -3.38 22.16 6.37
N LEU A 157 -4.59 21.74 6.72
CA LEU A 157 -5.83 22.36 6.27
C LEU A 157 -6.87 22.24 7.38
N PRO A 158 -7.93 23.04 7.33
CA PRO A 158 -9.03 22.91 8.31
C PRO A 158 -9.58 21.48 8.37
N GLY A 159 -9.83 21.03 9.59
CA GLY A 159 -10.40 19.72 9.82
C GLY A 159 -9.40 18.60 10.01
N TYR A 160 -8.15 18.81 9.63
CA TYR A 160 -7.13 17.78 9.81
C TYR A 160 -6.63 17.77 11.24
N LYS A 161 -6.29 16.57 11.73
CA LYS A 161 -5.79 16.38 13.07
C LYS A 161 -4.42 15.72 13.05
N ALA A 162 -3.72 15.79 14.17
CA ALA A 162 -2.45 15.07 14.31
C ALA A 162 -2.66 13.58 14.04
N PRO A 163 -1.62 12.88 13.58
CA PRO A 163 -1.77 11.44 13.34
C PRO A 163 -2.13 10.73 14.63
N LEU A 164 -2.88 9.63 14.49
CA LEU A 164 -3.31 8.87 15.66
C LEU A 164 -2.11 8.38 16.48
N TYR A 165 -1.04 7.98 15.81
CA TYR A 165 0.12 7.41 16.47
C TYR A 165 1.38 8.02 15.88
N ASP A 166 2.46 7.95 16.66
CA ASP A 166 3.78 8.24 16.11
C ASP A 166 4.25 7.04 15.32
N ASP A 167 5.41 7.16 14.69
CA ASP A 167 5.97 6.05 13.95
C ASP A 167 7.47 6.08 14.26
N VAL A 168 7.90 5.22 15.18
CA VAL A 168 9.31 5.25 15.57
C VAL A 168 10.21 4.79 14.44
N LEU A 169 9.69 4.05 13.47
CA LEU A 169 10.52 3.62 12.35
C LEU A 169 10.74 4.77 11.37
N ALA A 170 9.68 5.46 10.97
CA ALA A 170 9.85 6.65 10.13
C ALA A 170 10.78 7.67 10.81
N LYS A 171 10.68 7.81 12.14
CA LYS A 171 11.53 8.77 12.86
C LYS A 171 13.00 8.39 12.78
N GLN A 172 13.31 7.10 12.91
CA GLN A 172 14.71 6.68 13.02
C GLN A 172 15.46 6.76 11.70
N LEU A 173 14.76 6.63 10.57
CA LEU A 173 15.45 6.41 9.31
C LEU A 173 16.20 7.66 8.85
N PRO A 174 17.21 7.49 8.00
CA PRO A 174 18.04 8.65 7.60
C PRO A 174 17.30 9.66 6.75
N ALA A 175 17.61 10.93 6.97
CA ALA A 175 16.95 12.03 6.27
C ALA A 175 17.34 12.03 4.80
N THR A 176 16.34 12.30 3.94
CA THR A 176 16.52 12.20 2.50
C THR A 176 16.62 13.55 1.79
N HIS A 177 16.36 14.68 2.48
CA HIS A 177 16.76 16.01 2.01
C HIS A 177 16.08 16.43 0.71
N LEU A 178 14.81 16.06 0.56
CA LEU A 178 14.00 16.53 -0.56
C LEU A 178 13.21 17.75 -0.09
N ASP A 179 13.20 18.81 -0.91
CA ASP A 179 12.74 20.11 -0.45
C ASP A 179 11.38 20.52 -1.01
N PHE A 180 11.20 20.47 -2.32
CA PHE A 180 9.95 20.94 -2.90
C PHE A 180 9.69 20.20 -4.20
N ILE A 181 8.52 20.41 -4.75
CA ILE A 181 8.12 19.74 -5.98
C ILE A 181 8.63 20.55 -7.16
N ASP A 182 9.54 19.96 -7.94
CA ASP A 182 10.14 20.67 -9.05
C ASP A 182 9.19 20.78 -10.24
N HIS A 183 8.51 19.69 -10.58
CA HIS A 183 7.55 19.67 -11.67
C HIS A 183 6.72 18.42 -11.56
N VAL A 184 5.57 18.42 -12.23
CA VAL A 184 4.64 17.29 -12.26
C VAL A 184 4.27 17.03 -13.71
N VAL A 185 4.49 15.80 -14.19
CA VAL A 185 4.41 15.47 -15.61
C VAL A 185 3.14 14.67 -15.87
N GLY A 186 2.35 15.13 -16.83
CA GLY A 186 1.15 14.41 -17.22
C GLY A 186 1.27 13.77 -18.60
N ASN A 187 1.07 12.46 -18.67
CA ASN A 187 1.08 11.73 -19.93
C ASN A 187 -0.31 11.76 -20.56
N GLN A 188 -0.38 12.09 -21.85
CA GLN A 188 -1.63 12.15 -22.58
C GLN A 188 -1.67 11.08 -23.65
N PRO A 189 -2.88 10.66 -24.07
CA PRO A 189 -2.97 9.75 -25.21
C PRO A 189 -2.55 10.39 -26.53
N ASP A 190 -2.56 9.60 -27.61
CA ASP A 190 -2.19 10.08 -28.94
C ASP A 190 -2.91 11.39 -29.26
N LEU A 191 -2.12 12.37 -29.73
CA LEU A 191 -2.58 13.62 -30.35
C LEU A 191 -3.23 14.59 -29.37
N GLN A 192 -3.04 14.41 -28.06
CA GLN A 192 -3.73 15.25 -27.08
C GLN A 192 -2.84 16.34 -26.48
N MET A 193 -1.54 16.32 -26.74
CA MET A 193 -0.61 17.25 -26.09
C MET A 193 -1.01 18.71 -26.34
N GLU A 194 -1.24 19.07 -27.61
CA GLU A 194 -1.53 20.46 -27.95
C GLU A 194 -2.83 20.93 -27.30
N SER A 195 -3.85 20.09 -27.29
CA SER A 195 -5.11 20.46 -26.67
C SER A 195 -4.94 20.71 -25.17
N VAL A 196 -4.21 19.83 -24.49
CA VAL A 196 -4.04 20.00 -23.05
C VAL A 196 -3.19 21.23 -22.75
N ALA A 197 -2.10 21.43 -23.52
CA ALA A 197 -1.30 22.64 -23.32
C ALA A 197 -2.13 23.89 -23.57
N ALA A 198 -3.00 23.86 -24.58
CA ALA A 198 -3.86 25.02 -24.84
C ALA A 198 -4.83 25.27 -23.70
N TRP A 199 -5.33 24.20 -23.07
CA TRP A 199 -6.18 24.37 -21.89
C TRP A 199 -5.45 25.15 -20.80
N TYR A 200 -4.19 24.83 -20.54
CA TYR A 200 -3.44 25.56 -19.51
C TYR A 200 -3.25 27.02 -19.89
N GLU A 201 -2.95 27.31 -21.17
CA GLU A 201 -2.79 28.70 -21.58
C GLU A 201 -4.11 29.47 -21.48
N LYS A 202 -5.20 28.88 -21.97
CA LYS A 202 -6.47 29.59 -22.05
C LYS A 202 -7.13 29.69 -20.68
N VAL A 203 -7.26 28.57 -19.97
CA VAL A 203 -8.07 28.50 -18.75
C VAL A 203 -7.35 29.08 -17.54
N LEU A 204 -6.06 28.76 -17.37
CA LEU A 204 -5.31 29.25 -16.21
C LEU A 204 -4.36 30.38 -16.53
N MET A 205 -4.27 30.79 -17.80
CA MET A 205 -3.29 31.79 -18.22
C MET A 205 -1.88 31.38 -17.82
N PHE A 206 -1.56 30.10 -18.04
CA PHE A 206 -0.18 29.64 -18.10
C PHE A 206 0.41 30.00 -19.46
N HIS A 207 1.73 29.83 -19.59
CA HIS A 207 2.40 30.01 -20.87
C HIS A 207 3.39 28.89 -21.08
N ARG A 208 3.83 28.73 -22.33
CA ARG A 208 4.80 27.67 -22.59
C ARG A 208 6.17 28.07 -22.05
N PHE A 209 6.76 27.19 -21.26
CA PHE A 209 8.09 27.40 -20.72
C PHE A 209 9.10 26.84 -21.72
N TRP A 210 10.04 27.68 -22.13
CA TRP A 210 11.08 27.28 -23.08
C TRP A 210 12.37 27.00 -22.34
N SER A 211 12.94 25.82 -22.55
CA SER A 211 14.21 25.45 -21.95
C SER A 211 15.14 24.91 -23.03
N VAL A 212 16.37 24.59 -22.60
CA VAL A 212 17.36 23.98 -23.49
C VAL A 212 16.79 22.74 -24.18
N ASP A 213 15.93 22.00 -23.47
CA ASP A 213 15.35 20.79 -24.02
C ASP A 213 14.50 21.07 -25.26
N ASP A 214 13.82 22.21 -25.29
CA ASP A 214 12.94 22.51 -26.42
C ASP A 214 13.72 22.83 -27.69
N SER A 215 15.01 23.17 -27.58
CA SER A 215 15.85 23.51 -28.71
C SER A 215 16.64 22.31 -29.23
N GLN A 216 16.21 21.09 -28.93
CA GLN A 216 16.95 19.88 -29.25
C GLN A 216 16.02 18.84 -29.90
N ILE A 217 16.66 17.89 -30.58
CA ILE A 217 15.98 16.85 -31.34
C ILE A 217 16.16 15.54 -30.57
N HIS A 218 15.08 15.04 -29.96
CA HIS A 218 15.19 13.84 -29.15
C HIS A 218 14.10 12.79 -29.41
N THR A 219 13.16 13.06 -30.31
CA THR A 219 12.00 12.17 -30.52
C THR A 219 12.44 10.74 -30.85
N GLU A 220 13.48 10.55 -31.64
CA GLU A 220 13.93 9.22 -31.95
C GLU A 220 14.28 8.43 -30.71
N TYR A 221 14.88 9.07 -29.75
CA TYR A 221 15.25 8.39 -28.52
C TYR A 221 14.15 8.43 -27.47
N SER A 222 13.36 9.49 -27.43
CA SER A 222 12.38 9.64 -26.36
C SER A 222 11.04 9.00 -26.69
N ALA A 223 10.70 8.88 -27.98
CA ALA A 223 9.38 8.40 -28.39
C ALA A 223 8.27 9.20 -27.71
N LEU A 224 8.44 10.52 -27.66
CA LEU A 224 7.44 11.38 -27.07
C LEU A 224 7.62 12.79 -27.63
N ARG A 225 6.56 13.58 -27.57
CA ARG A 225 6.59 15.02 -27.75
C ARG A 225 6.19 15.67 -26.43
N SER A 226 6.80 16.80 -26.11
CA SER A 226 6.55 17.44 -24.82
C SER A 226 6.42 18.94 -24.96
N ILE A 227 5.53 19.52 -24.16
CA ILE A 227 5.40 20.95 -23.97
C ILE A 227 5.29 21.20 -22.47
N VAL A 228 6.10 22.12 -21.95
CA VAL A 228 6.07 22.47 -20.53
C VAL A 228 5.24 23.75 -20.38
N MET A 229 4.15 23.70 -19.62
CA MET A 229 3.35 24.88 -19.33
C MET A 229 3.66 25.36 -17.93
N THR A 230 3.68 26.68 -17.74
CA THR A 230 4.03 27.23 -16.43
C THR A 230 3.22 28.48 -16.17
N ASN A 231 3.07 28.84 -14.90
CA ASN A 231 2.36 30.05 -14.53
C ASN A 231 3.22 31.27 -14.83
N TYR A 232 2.60 32.46 -14.76
CA TYR A 232 3.28 33.68 -15.23
C TYR A 232 4.63 33.87 -14.57
N GLU A 233 4.73 33.62 -13.26
CA GLU A 233 5.99 33.79 -12.54
C GLU A 233 6.91 32.58 -12.63
N GLU A 234 6.46 31.52 -13.32
CA GLU A 234 7.25 30.30 -13.54
C GLU A 234 7.67 29.63 -12.23
N THR A 235 6.77 29.60 -11.26
CA THR A 235 7.00 28.90 -10.00
C THR A 235 6.40 27.50 -10.00
N VAL A 236 5.53 27.19 -10.95
CA VAL A 236 4.88 25.88 -11.04
C VAL A 236 5.02 25.40 -12.49
N LYS A 237 5.60 24.22 -12.67
CA LYS A 237 5.87 23.68 -14.00
C LYS A 237 5.14 22.37 -14.23
N MET A 238 4.41 22.31 -15.35
CA MET A 238 3.57 21.17 -15.71
C MET A 238 3.90 20.69 -17.11
N PRO A 239 4.89 19.80 -17.26
CA PRO A 239 5.12 19.19 -18.56
C PRO A 239 3.95 18.32 -18.98
N ILE A 240 3.69 18.33 -20.30
CA ILE A 240 2.62 17.60 -20.95
C ILE A 240 3.24 16.75 -22.05
N ASN A 241 3.13 15.42 -21.94
CA ASN A 241 3.69 14.47 -22.90
C ASN A 241 2.60 13.81 -23.72
N GLU A 242 2.91 13.52 -24.98
CA GLU A 242 2.10 12.61 -25.77
C GLU A 242 3.02 11.62 -26.47
N PRO A 243 2.51 10.46 -26.89
CA PRO A 243 3.36 9.50 -27.61
C PRO A 243 3.81 10.05 -28.95
N ALA A 244 4.97 9.59 -29.37
CA ALA A 244 5.53 9.92 -30.69
C ALA A 244 6.25 8.68 -31.20
N LYS A 245 6.37 8.59 -32.52
CA LYS A 245 7.06 7.45 -33.12
C LYS A 245 8.55 7.53 -32.80
N GLY A 246 9.10 6.45 -32.27
CA GLY A 246 10.50 6.42 -31.92
C GLY A 246 11.17 5.11 -32.28
N LYS A 247 12.41 4.93 -31.83
CA LYS A 247 13.13 3.69 -32.12
C LYS A 247 12.53 2.51 -31.37
N LYS A 248 11.89 2.76 -30.23
CA LYS A 248 11.30 1.71 -29.41
C LYS A 248 9.85 2.07 -29.10
N LYS A 249 9.14 1.12 -28.49
CA LYS A 249 7.78 1.39 -28.04
C LYS A 249 7.77 2.61 -27.12
N SER A 250 6.78 3.48 -27.32
CA SER A 250 6.71 4.67 -26.49
C SER A 250 6.30 4.31 -25.06
N GLN A 251 7.11 4.74 -24.10
CA GLN A 251 6.74 4.59 -22.70
C GLN A 251 5.49 5.42 -22.38
N ILE A 252 5.22 6.47 -23.16
CA ILE A 252 4.01 7.26 -22.94
C ILE A 252 2.79 6.46 -23.38
N GLU A 253 2.92 5.71 -24.49
CA GLU A 253 1.83 4.84 -24.89
C GLU A 253 1.57 3.75 -23.86
N GLU A 254 2.65 3.13 -23.35
CA GLU A 254 2.53 2.11 -22.31
C GLU A 254 1.83 2.65 -21.07
N TYR A 255 2.21 3.86 -20.65
CA TYR A 255 1.54 4.48 -19.51
C TYR A 255 0.05 4.56 -19.74
N VAL A 256 -0.35 5.07 -20.90
CA VAL A 256 -1.77 5.29 -21.18
C VAL A 256 -2.51 3.96 -21.26
N ASP A 257 -1.87 2.92 -21.80
CA ASP A 257 -2.52 1.60 -21.82
C ASP A 257 -2.77 1.08 -20.42
N TYR A 258 -1.78 1.18 -19.54
CA TYR A 258 -1.94 0.60 -18.21
C TYR A 258 -2.62 1.51 -17.20
N TYR A 259 -2.57 2.83 -17.41
CA TYR A 259 -3.34 3.75 -16.57
C TYR A 259 -4.79 3.89 -17.04
N GLY A 260 -5.10 3.41 -18.25
CA GLY A 260 -6.45 3.55 -18.77
C GLY A 260 -6.82 4.97 -19.16
N GLY A 261 -5.84 5.79 -19.53
CA GLY A 261 -6.06 7.14 -19.99
C GLY A 261 -4.93 8.06 -19.53
N ALA A 262 -5.15 9.36 -19.66
CA ALA A 262 -4.19 10.37 -19.25
C ALA A 262 -4.02 10.37 -17.72
N GLY A 263 -2.84 10.80 -17.26
CA GLY A 263 -2.62 11.00 -15.85
C GLY A 263 -1.20 11.45 -15.56
N VAL A 264 -0.92 11.66 -14.27
CA VAL A 264 0.41 12.06 -13.83
C VAL A 264 1.34 10.86 -13.96
N GLN A 265 2.43 11.03 -14.71
CA GLN A 265 3.43 9.97 -14.89
C GLN A 265 4.53 10.04 -13.83
N HIS A 266 5.03 11.22 -13.50
CA HIS A 266 5.99 11.31 -12.41
C HIS A 266 5.92 12.68 -11.77
N ILE A 267 6.38 12.71 -10.53
CA ILE A 267 6.53 13.91 -9.72
C ILE A 267 8.01 14.02 -9.43
N ALA A 268 8.59 15.18 -9.69
CA ALA A 268 10.01 15.40 -9.44
C ALA A 268 10.19 16.22 -8.18
N LEU A 269 11.11 15.75 -7.32
CA LEU A 269 11.36 16.36 -6.02
C LEU A 269 12.77 16.95 -6.02
N ASN A 270 12.84 18.26 -5.74
CA ASN A 270 14.09 19.01 -5.81
C ASN A 270 14.88 18.86 -4.52
N THR A 271 16.17 18.58 -4.64
CA THR A 271 17.07 18.46 -3.50
C THR A 271 18.28 19.36 -3.73
N SER A 272 18.91 19.79 -2.64
CA SER A 272 20.18 20.51 -2.71
C SER A 272 21.38 19.65 -2.29
N ASP A 273 21.18 18.35 -2.11
CA ASP A 273 22.27 17.46 -1.75
C ASP A 273 21.89 16.07 -2.26
N ILE A 274 21.98 15.90 -3.59
CA ILE A 274 21.44 14.69 -4.21
C ILE A 274 22.24 13.45 -3.81
N ILE A 275 23.53 13.62 -3.51
CA ILE A 275 24.35 12.48 -3.06
C ILE A 275 23.78 11.91 -1.77
N THR A 276 23.61 12.76 -0.75
CA THR A 276 23.07 12.27 0.52
C THR A 276 21.65 11.79 0.35
N ALA A 277 20.86 12.50 -0.46
CA ALA A 277 19.48 12.10 -0.76
C ALA A 277 19.43 10.67 -1.25
N ILE A 278 20.23 10.34 -2.25
CA ILE A 278 20.13 9.04 -2.89
C ILE A 278 20.77 7.96 -2.03
N GLU A 279 21.87 8.29 -1.33
CA GLU A 279 22.43 7.36 -0.36
C GLU A 279 21.38 6.96 0.67
N ASN A 280 20.63 7.92 1.20
CA ASN A 280 19.71 7.62 2.29
C ASN A 280 18.39 7.05 1.79
N LEU A 281 17.96 7.40 0.56
CA LEU A 281 16.85 6.69 -0.05
C LEU A 281 17.21 5.23 -0.32
N ARG A 282 18.44 4.98 -0.78
CA ARG A 282 18.87 3.60 -0.97
C ARG A 282 18.92 2.83 0.35
N ALA A 283 19.34 3.49 1.44
CA ALA A 283 19.34 2.86 2.76
C ALA A 283 17.94 2.50 3.23
N ARG A 284 16.92 3.18 2.72
CA ARG A 284 15.53 2.86 3.04
C ARG A 284 14.95 1.82 2.08
N GLY A 285 15.79 1.23 1.24
CA GLY A 285 15.38 0.15 0.35
C GLY A 285 14.76 0.60 -0.95
N MET A 286 14.81 1.88 -1.28
CA MET A 286 14.31 2.34 -2.56
C MET A 286 15.27 1.88 -3.66
N HIS A 287 14.71 1.59 -4.82
CA HIS A 287 15.52 1.28 -5.99
C HIS A 287 15.27 2.29 -7.10
N PHE A 288 16.22 2.34 -8.01
CA PHE A 288 16.29 3.34 -9.07
C PHE A 288 16.67 2.62 -10.37
N LEU A 289 16.54 3.33 -11.49
CA LEU A 289 16.93 2.75 -12.76
C LEU A 289 18.40 2.33 -12.73
N SER A 290 18.70 1.20 -13.36
CA SER A 290 20.08 0.75 -13.51
C SER A 290 20.72 1.52 -14.66
N VAL A 291 21.88 2.10 -14.38
CA VAL A 291 22.64 2.88 -15.36
C VAL A 291 23.98 2.19 -15.55
N PRO A 292 24.33 1.78 -16.78
CA PRO A 292 25.58 1.04 -16.98
C PRO A 292 26.79 1.95 -16.94
N ASN A 293 27.95 1.33 -16.68
CA ASN A 293 29.19 2.10 -16.59
C ASN A 293 29.47 2.86 -17.88
N THR A 294 29.04 2.34 -19.04
CA THR A 294 29.28 3.02 -20.30
C THR A 294 28.70 4.43 -20.29
N TYR A 295 27.59 4.64 -19.58
CA TYR A 295 27.01 5.97 -19.49
C TYR A 295 28.01 6.97 -18.93
N TYR A 296 28.70 6.60 -17.86
CA TYR A 296 29.63 7.53 -17.23
C TYR A 296 30.92 7.66 -18.04
N ASP A 297 31.37 6.58 -18.68
CA ASP A 297 32.53 6.69 -19.58
C ASP A 297 32.22 7.64 -20.73
N GLN A 298 31.07 7.45 -21.38
CA GLN A 298 30.72 8.32 -22.50
C GLN A 298 30.46 9.75 -22.02
N LEU A 299 29.89 9.90 -20.82
CA LEU A 299 29.65 11.26 -20.30
C LEU A 299 30.96 11.98 -20.04
N ARG A 300 31.93 11.31 -19.40
CA ARG A 300 33.22 11.96 -19.15
C ARG A 300 33.90 12.34 -20.46
N GLU A 301 33.74 11.51 -21.49
CA GLU A 301 34.32 11.82 -22.79
C GLU A 301 33.66 13.05 -23.42
N ARG A 302 32.32 13.14 -23.35
CA ARG A 302 31.62 14.32 -23.85
C ARG A 302 32.01 15.57 -23.08
N LEU A 303 32.12 15.46 -21.75
CA LEU A 303 32.47 16.61 -20.93
C LEU A 303 33.86 17.16 -21.23
N LYS A 304 34.72 16.37 -21.90
CA LYS A 304 36.05 16.87 -22.23
C LYS A 304 36.00 18.12 -23.10
N SER A 305 34.94 18.27 -23.89
CA SER A 305 34.80 19.44 -24.76
C SER A 305 33.88 20.50 -24.16
N SER A 306 33.61 20.43 -22.87
CA SER A 306 32.74 21.39 -22.20
C SER A 306 33.54 22.20 -21.19
N LYS A 307 33.06 23.42 -20.94
CA LYS A 307 33.62 24.24 -19.86
C LYS A 307 32.90 24.06 -18.53
N VAL A 308 31.80 23.31 -18.50
CA VAL A 308 31.01 23.22 -17.27
C VAL A 308 31.83 22.49 -16.20
N LYS A 309 31.61 22.88 -14.94
CA LYS A 309 32.32 22.29 -13.81
C LYS A 309 31.33 21.50 -12.95
N ILE A 310 31.49 20.18 -12.92
CA ILE A 310 30.65 19.36 -12.05
C ILE A 310 31.19 19.47 -10.62
N GLN A 311 30.36 19.99 -9.72
CA GLN A 311 30.78 20.14 -8.34
C GLN A 311 30.80 18.81 -7.59
N GLU A 312 29.77 17.98 -7.80
CA GLU A 312 29.64 16.73 -7.08
C GLU A 312 30.69 15.72 -7.55
N ASP A 313 31.05 14.82 -6.64
CA ASP A 313 32.05 13.80 -6.93
C ASP A 313 31.53 12.83 -7.99
N MET A 314 32.21 12.76 -9.14
CA MET A 314 31.69 12.00 -10.26
C MET A 314 31.71 10.50 -9.98
N ASP A 315 32.75 10.00 -9.28
CA ASP A 315 32.76 8.57 -8.93
C ASP A 315 31.56 8.20 -8.06
N THR A 316 31.15 9.11 -7.16
CA THR A 316 29.98 8.84 -6.31
C THR A 316 28.69 8.87 -7.12
N LEU A 317 28.57 9.82 -8.06
CA LEU A 317 27.40 9.85 -8.93
C LEU A 317 27.27 8.54 -9.69
N GLN A 318 28.39 8.04 -10.23
CA GLN A 318 28.36 6.77 -10.95
C GLN A 318 27.99 5.63 -10.03
N LYS A 319 28.53 5.63 -8.81
CA LYS A 319 28.21 4.58 -7.88
C LYS A 319 26.71 4.59 -7.54
N LEU A 320 26.13 5.77 -7.38
CA LEU A 320 24.72 5.91 -7.03
C LEU A 320 23.80 5.87 -8.24
N ASN A 321 24.36 5.81 -9.45
CA ASN A 321 23.60 5.78 -10.69
C ASN A 321 22.77 7.05 -10.91
N ILE A 322 23.30 8.19 -10.49
CA ILE A 322 22.67 9.49 -10.74
C ILE A 322 23.07 9.97 -12.12
N LEU A 323 22.10 10.55 -12.85
CA LEU A 323 22.32 11.02 -14.21
C LEU A 323 22.70 12.50 -14.21
N ILE A 324 23.31 12.93 -15.32
CA ILE A 324 23.71 14.32 -15.53
C ILE A 324 23.20 14.76 -16.88
N ASP A 325 22.69 15.99 -16.95
CA ASP A 325 22.51 16.68 -18.22
C ASP A 325 23.10 18.07 -18.06
N TYR A 326 23.72 18.59 -19.12
CA TYR A 326 24.49 19.82 -18.97
C TYR A 326 24.47 20.60 -20.27
N ASP A 327 24.71 21.90 -20.16
CA ASP A 327 25.09 22.70 -21.31
C ASP A 327 26.30 23.54 -20.89
N GLU A 328 26.58 24.60 -21.65
CA GLU A 328 27.78 25.38 -21.40
C GLU A 328 27.67 26.25 -20.15
N ASP A 329 26.45 26.52 -19.67
CA ASP A 329 26.24 27.42 -18.55
C ASP A 329 25.92 26.72 -17.23
N GLY A 330 25.63 25.42 -17.24
CA GLY A 330 25.31 24.74 -16.00
C GLY A 330 24.90 23.31 -16.27
N TYR A 331 24.38 22.68 -15.22
CA TYR A 331 23.97 21.28 -15.34
C TYR A 331 22.91 20.96 -14.30
N LEU A 332 22.27 19.81 -14.50
CA LEU A 332 21.38 19.26 -13.50
C LEU A 332 21.78 17.82 -13.23
N LEU A 333 21.40 17.34 -12.06
CA LEU A 333 21.53 15.94 -11.69
C LEU A 333 20.13 15.38 -11.47
N GLN A 334 19.90 14.14 -11.93
CA GLN A 334 18.56 13.58 -11.84
C GLN A 334 18.64 12.06 -11.73
N ILE A 335 17.63 11.48 -11.09
CA ILE A 335 17.54 10.04 -10.96
C ILE A 335 16.08 9.66 -10.82
N PHE A 336 15.71 8.51 -11.38
CA PHE A 336 14.32 8.06 -11.41
C PHE A 336 14.15 6.80 -10.57
N THR A 337 13.13 6.81 -9.72
CA THR A 337 12.85 5.63 -8.92
C THR A 337 12.29 4.53 -9.79
N LYS A 338 12.30 3.31 -9.26
CA LYS A 338 11.41 2.29 -9.79
C LYS A 338 9.97 2.72 -9.56
N ASN A 339 9.05 2.00 -10.19
CA ASN A 339 7.64 2.38 -10.17
C ASN A 339 7.07 2.25 -8.75
N MET A 340 6.12 3.13 -8.43
CA MET A 340 5.46 3.16 -7.13
C MET A 340 4.40 2.08 -6.99
N GLN A 341 4.21 1.24 -8.00
CA GLN A 341 3.15 0.25 -8.02
C GLN A 341 3.52 -0.77 -9.09
N ASP A 342 2.72 -1.84 -9.17
CA ASP A 342 3.05 -2.85 -10.16
C ASP A 342 2.73 -2.41 -11.58
N ARG A 343 1.58 -1.75 -11.78
CA ARG A 343 1.30 -1.22 -13.11
C ARG A 343 2.45 -0.32 -13.56
N PRO A 344 2.88 -0.42 -14.81
CA PRO A 344 3.96 0.47 -15.28
C PRO A 344 3.46 1.88 -15.52
N THR A 345 3.15 2.61 -14.45
CA THR A 345 2.55 3.93 -14.59
C THR A 345 3.38 4.98 -13.86
N LEU A 346 3.11 5.23 -12.57
CA LEU A 346 3.71 6.35 -11.86
C LEU A 346 5.10 5.99 -11.29
N PHE A 347 6.03 6.96 -11.36
CA PHE A 347 7.30 6.86 -10.65
C PHE A 347 7.65 8.25 -10.14
N LEU A 348 8.76 8.33 -9.41
CA LEU A 348 9.22 9.60 -8.86
C LEU A 348 10.59 9.93 -9.44
N GLU A 349 10.93 11.22 -9.36
CA GLU A 349 12.21 11.73 -9.80
C GLU A 349 12.81 12.59 -8.70
N VAL A 350 14.11 12.43 -8.47
CA VAL A 350 14.88 13.32 -7.61
C VAL A 350 15.79 14.14 -8.53
N ILE A 351 15.83 15.46 -8.32
CA ILE A 351 16.52 16.34 -9.26
C ILE A 351 17.19 17.48 -8.49
N GLN A 352 18.41 17.85 -8.90
CA GLN A 352 19.13 18.97 -8.34
C GLN A 352 19.64 19.84 -9.49
N ARG A 353 19.50 21.15 -9.36
CA ARG A 353 19.81 22.08 -10.43
C ARG A 353 21.02 22.96 -10.07
N HIS A 354 21.93 23.11 -11.03
CA HIS A 354 23.08 24.02 -10.92
C HIS A 354 23.02 24.97 -12.11
N GLY A 355 22.16 25.98 -12.05
CA GLY A 355 22.01 26.92 -13.14
C GLY A 355 21.60 26.29 -14.47
N HIS A 356 20.60 25.40 -14.41
CA HIS A 356 20.15 24.68 -15.61
C HIS A 356 18.65 24.44 -15.46
N ASN A 357 17.86 24.91 -16.44
CA ASN A 357 16.41 24.91 -16.30
C ASN A 357 15.73 23.82 -17.10
N GLY A 358 16.50 22.85 -17.62
CA GLY A 358 15.94 21.78 -18.41
C GLY A 358 15.39 20.65 -17.55
N PHE A 359 15.07 19.55 -18.23
CA PHE A 359 14.46 18.40 -17.59
C PHE A 359 15.16 17.09 -17.89
N GLY A 360 16.36 17.15 -18.48
CA GLY A 360 17.15 15.97 -18.74
C GLY A 360 16.93 15.32 -20.09
N ALA A 361 16.43 16.06 -21.09
CA ALA A 361 16.16 15.44 -22.38
C ALA A 361 17.42 14.92 -23.06
N GLY A 362 18.59 15.52 -22.77
CA GLY A 362 19.84 14.96 -23.26
C GLY A 362 20.07 13.52 -22.83
N ASN A 363 19.41 13.08 -21.76
CA ASN A 363 19.63 11.72 -21.29
C ASN A 363 18.83 10.67 -22.04
N PHE A 364 17.85 11.04 -22.85
CA PHE A 364 17.21 10.02 -23.69
C PHE A 364 18.25 9.38 -24.62
N LYS A 365 18.97 10.20 -25.39
CA LYS A 365 20.03 9.64 -26.22
C LYS A 365 21.13 9.00 -25.39
N ALA A 366 21.61 9.72 -24.36
CA ALA A 366 22.77 9.24 -23.60
C ALA A 366 22.50 7.87 -22.98
N LEU A 367 21.32 7.68 -22.39
CA LEU A 367 21.05 6.39 -21.75
C LEU A 367 20.82 5.31 -22.79
N PHE A 368 20.05 5.60 -23.84
CA PHE A 368 19.81 4.61 -24.88
C PHE A 368 21.13 4.08 -25.45
N GLU A 369 22.04 5.00 -25.78
CA GLU A 369 23.31 4.60 -26.37
C GLU A 369 24.23 3.92 -25.38
N ALA A 370 24.16 4.28 -24.09
CA ALA A 370 24.97 3.62 -23.08
C ALA A 370 24.53 2.17 -22.90
N ILE A 371 23.21 1.93 -22.87
CA ILE A 371 22.70 0.57 -22.73
C ILE A 371 23.08 -0.27 -23.93
N GLU A 372 23.02 0.31 -25.13
CA GLU A 372 23.36 -0.44 -26.34
C GLU A 372 24.83 -0.83 -26.35
N ALA A 373 25.71 0.08 -25.93
CA ALA A 373 27.14 -0.22 -25.91
C ALA A 373 27.47 -1.26 -24.86
N ASP A 374 26.76 -1.26 -23.74
CA ASP A 374 27.01 -2.24 -22.68
C ASP A 374 26.60 -3.63 -23.13
N GLN A 375 25.50 -3.75 -23.89
CA GLN A 375 25.07 -5.04 -24.39
C GLN A 375 26.05 -5.56 -25.46
N ASP A 376 26.30 -4.77 -26.49
CA ASP A 376 27.08 -5.21 -27.63
C ASP A 376 28.58 -5.36 -27.32
N LYS A 377 29.01 -5.04 -26.10
CA LYS A 377 30.41 -5.22 -25.73
C LYS A 377 30.61 -6.54 -24.97
N ASP B 6 -14.45 -36.34 21.05
CA ASP B 6 -15.23 -36.76 19.90
C ASP B 6 -15.02 -35.87 18.67
N LYS B 7 -14.23 -36.37 17.73
CA LYS B 7 -13.91 -35.64 16.52
C LYS B 7 -14.80 -36.01 15.35
N GLY B 8 -15.90 -36.73 15.61
CA GLY B 8 -16.83 -37.12 14.57
C GLY B 8 -16.25 -38.21 13.69
N PRO B 9 -16.91 -38.48 12.57
CA PRO B 9 -16.44 -39.55 11.69
C PRO B 9 -15.09 -39.24 11.05
N LYS B 10 -14.24 -40.25 11.00
CA LYS B 10 -12.92 -40.11 10.40
C LYS B 10 -13.06 -40.03 8.88
N PRO B 11 -12.58 -38.97 8.24
CA PRO B 11 -12.68 -38.89 6.78
C PRO B 11 -11.97 -40.07 6.12
N ASP B 12 -12.61 -40.62 5.10
CA ASP B 12 -12.08 -41.78 4.38
C ASP B 12 -11.16 -41.23 3.30
N GLY B 13 -9.92 -40.96 3.68
CA GLY B 13 -8.93 -40.41 2.78
C GLY B 13 -8.98 -38.89 2.72
N GLY B 14 -7.86 -38.32 2.28
CA GLY B 14 -7.71 -36.88 2.24
C GLY B 14 -7.23 -36.33 3.56
N LYS B 15 -6.34 -35.35 3.52
CA LYS B 15 -5.89 -34.73 4.77
C LYS B 15 -5.51 -33.28 4.51
N PHE B 16 -5.91 -32.41 5.44
CA PHE B 16 -5.51 -31.02 5.45
C PHE B 16 -4.32 -30.92 6.40
N LEU B 17 -3.13 -30.74 5.84
CA LEU B 17 -1.91 -30.78 6.65
C LEU B 17 -1.75 -29.52 7.48
N CYS B 18 -1.94 -28.36 6.84
CA CYS B 18 -1.57 -27.09 7.46
C CYS B 18 -2.06 -25.98 6.56
N PHE B 19 -1.98 -24.74 7.05
CA PHE B 19 -2.21 -23.61 6.18
C PHE B 19 -1.08 -23.56 5.17
N ASP B 20 -1.41 -23.43 3.88
CA ASP B 20 -0.38 -23.32 2.86
C ASP B 20 0.08 -21.88 2.68
N HIS B 21 -0.86 -20.96 2.48
CA HIS B 21 -0.58 -19.53 2.34
C HIS B 21 -1.91 -18.80 2.37
N ILE B 22 -1.86 -17.48 2.52
CA ILE B 22 -3.04 -16.62 2.49
C ILE B 22 -2.84 -15.63 1.35
N THR B 23 -3.81 -15.58 0.42
CA THR B 23 -3.76 -14.68 -0.71
C THR B 23 -4.64 -13.47 -0.43
N PHE B 24 -4.09 -12.27 -0.60
CA PHE B 24 -4.81 -11.03 -0.41
C PHE B 24 -5.04 -10.37 -1.78
N TYR B 25 -6.24 -9.85 -1.99
CA TYR B 25 -6.52 -9.00 -3.16
C TYR B 25 -6.45 -7.55 -2.68
N VAL B 26 -5.50 -6.77 -3.23
CA VAL B 26 -5.20 -5.45 -2.69
C VAL B 26 -5.02 -4.46 -3.84
N GLY B 27 -5.13 -3.17 -3.49
CA GLY B 27 -5.01 -2.14 -4.51
C GLY B 27 -3.60 -2.01 -5.06
N ASN B 28 -2.58 -2.30 -4.25
CA ASN B 28 -1.20 -2.07 -4.65
C ASN B 28 -0.35 -3.17 -3.99
N ALA B 29 -0.17 -4.28 -4.72
CA ALA B 29 0.49 -5.45 -4.14
C ALA B 29 1.94 -5.15 -3.78
N LYS B 30 2.63 -4.32 -4.58
CA LYS B 30 4.01 -3.99 -4.27
C LYS B 30 4.12 -3.20 -2.98
N GLN B 31 3.24 -2.21 -2.78
CA GLN B 31 3.28 -1.47 -1.52
C GLN B 31 2.75 -2.30 -0.36
N ALA B 32 1.86 -3.25 -0.63
CA ALA B 32 1.35 -4.11 0.43
C ALA B 32 2.43 -5.06 0.92
N ALA B 33 3.16 -5.70 -0.02
CA ALA B 33 4.30 -6.53 0.35
C ALA B 33 5.29 -5.74 1.19
N SER B 34 5.54 -4.49 0.82
CA SER B 34 6.47 -3.65 1.55
C SER B 34 5.95 -3.35 2.96
N TYR B 35 4.63 -3.18 3.11
CA TYR B 35 4.06 -2.95 4.44
C TYR B 35 4.30 -4.15 5.35
N TYR B 36 4.05 -5.37 4.85
CA TYR B 36 4.17 -6.55 5.70
C TYR B 36 5.63 -6.96 5.94
N THR B 37 6.55 -6.70 5.01
CA THR B 37 7.95 -6.98 5.32
C THR B 37 8.52 -5.94 6.29
N THR B 38 8.22 -4.66 6.06
CA THR B 38 8.74 -3.60 6.92
C THR B 38 8.08 -3.63 8.30
N ARG B 39 6.75 -3.63 8.34
CA ARG B 39 6.04 -3.50 9.61
C ARG B 39 5.95 -4.82 10.37
N MET B 40 5.72 -5.94 9.68
CA MET B 40 5.34 -7.18 10.37
C MET B 40 6.42 -8.26 10.33
N GLY B 41 7.62 -7.95 9.82
CA GLY B 41 8.72 -8.86 9.94
C GLY B 41 8.83 -9.94 8.87
N PHE B 42 8.06 -9.85 7.80
CA PHE B 42 8.20 -10.79 6.69
C PHE B 42 9.39 -10.41 5.81
N THR B 43 9.72 -11.30 4.88
CA THR B 43 10.68 -11.00 3.81
C THR B 43 10.08 -11.43 2.47
N GLU B 44 10.25 -10.61 1.44
CA GLU B 44 9.72 -11.00 0.14
C GLU B 44 10.46 -12.23 -0.37
N LEU B 45 9.70 -13.23 -0.79
CA LEU B 45 10.24 -14.54 -1.16
C LEU B 45 10.21 -14.79 -2.65
N ALA B 46 9.15 -14.39 -3.35
CA ALA B 46 8.95 -14.77 -4.74
C ALA B 46 7.99 -13.79 -5.40
N TYR B 47 7.96 -13.82 -6.74
CA TYR B 47 7.25 -12.82 -7.51
C TYR B 47 6.72 -13.44 -8.81
N GLN B 48 5.61 -12.89 -9.30
CA GLN B 48 5.12 -13.11 -10.65
C GLN B 48 4.58 -11.77 -11.15
N GLY B 49 4.88 -11.45 -12.41
CA GLY B 49 4.43 -10.19 -12.98
C GLY B 49 4.84 -10.13 -14.44
N LEU B 50 4.74 -8.92 -15.01
CA LEU B 50 5.08 -8.74 -16.42
C LEU B 50 6.46 -9.33 -16.72
N GLU B 51 7.41 -9.12 -15.81
CA GLU B 51 8.77 -9.58 -15.95
C GLU B 51 8.90 -11.09 -16.05
N THR B 52 7.87 -11.85 -15.65
CA THR B 52 7.94 -13.30 -15.64
C THR B 52 6.95 -13.93 -16.60
N GLY B 53 6.26 -13.11 -17.40
CA GLY B 53 5.24 -13.60 -18.29
C GLY B 53 3.83 -13.53 -17.76
N SER B 54 3.65 -13.08 -16.51
CA SER B 54 2.31 -12.93 -15.93
C SER B 54 1.80 -11.53 -16.28
N ARG B 55 0.91 -11.45 -17.27
CA ARG B 55 0.54 -10.15 -17.83
C ARG B 55 -0.77 -9.60 -17.29
N LYS B 56 -1.55 -10.41 -16.59
CA LYS B 56 -2.81 -9.92 -16.01
C LYS B 56 -2.68 -9.60 -14.54
N LEU B 57 -1.81 -10.31 -13.81
CA LEU B 57 -1.74 -10.24 -12.36
C LEU B 57 -0.29 -10.10 -11.90
N ALA B 58 -0.09 -9.19 -10.95
CA ALA B 58 1.18 -9.05 -10.25
C ALA B 58 1.03 -9.72 -8.89
N LYS B 59 2.00 -10.54 -8.51
CA LYS B 59 1.92 -11.32 -7.27
C LYS B 59 3.22 -11.18 -6.50
N HIS B 60 3.12 -10.68 -5.27
CA HIS B 60 4.27 -10.59 -4.37
C HIS B 60 4.07 -11.58 -3.23
N VAL B 61 5.02 -12.49 -3.06
CA VAL B 61 4.98 -13.51 -2.02
C VAL B 61 5.94 -13.10 -0.91
N VAL B 62 5.43 -13.01 0.33
CA VAL B 62 6.29 -12.72 1.48
C VAL B 62 6.15 -13.83 2.50
N ARG B 63 7.23 -14.08 3.25
CA ARG B 63 7.29 -15.23 4.13
C ARG B 63 7.94 -14.86 5.45
N GLN B 64 7.44 -15.45 6.53
CA GLN B 64 8.08 -15.38 7.84
C GLN B 64 7.99 -16.77 8.45
N ASN B 65 9.13 -17.48 8.48
CA ASN B 65 9.19 -18.89 8.82
C ASN B 65 8.19 -19.66 7.98
N LYS B 66 7.14 -20.20 8.58
CA LYS B 66 6.18 -20.96 7.77
C LYS B 66 4.98 -20.12 7.31
N ILE B 67 4.89 -18.86 7.72
CA ILE B 67 3.78 -18.00 7.33
C ILE B 67 4.06 -17.45 5.94
N VAL B 68 3.13 -17.66 5.00
CA VAL B 68 3.27 -17.18 3.62
C VAL B 68 2.03 -16.37 3.26
N PHE B 69 2.24 -15.09 2.91
CA PHE B 69 1.20 -14.20 2.42
C PHE B 69 1.50 -13.88 0.95
N VAL B 70 0.47 -13.89 0.10
CA VAL B 70 0.60 -13.53 -1.31
C VAL B 70 -0.27 -12.30 -1.56
N PHE B 71 0.30 -11.27 -2.17
CA PHE B 71 -0.44 -10.03 -2.45
C PHE B 71 -0.61 -9.88 -3.95
N VAL B 72 -1.85 -9.69 -4.39
CA VAL B 72 -2.18 -9.73 -5.82
C VAL B 72 -2.88 -8.43 -6.22
N SER B 73 -2.46 -7.86 -7.35
CA SER B 73 -3.15 -6.73 -7.96
C SER B 73 -3.23 -6.96 -9.45
N ALA B 74 -4.24 -6.37 -10.07
CA ALA B 74 -4.41 -6.46 -11.52
C ALA B 74 -3.55 -5.44 -12.22
N TYR B 75 -2.99 -5.84 -13.37
CA TYR B 75 -2.21 -4.94 -14.21
C TYR B 75 -3.08 -4.03 -15.05
N GLU B 76 -4.24 -4.50 -15.46
CA GLU B 76 -4.92 -3.80 -16.52
C GLU B 76 -6.17 -3.10 -16.01
N PRO B 77 -6.55 -1.99 -16.65
CA PRO B 77 -7.78 -1.31 -16.25
C PRO B 77 -8.99 -2.24 -16.33
N ASP B 78 -9.96 -1.95 -15.48
CA ASP B 78 -11.28 -2.60 -15.51
C ASP B 78 -11.19 -4.12 -15.53
N ASN B 79 -10.29 -4.66 -14.70
CA ASN B 79 -10.33 -6.08 -14.35
C ASN B 79 -11.54 -6.28 -13.46
N THR B 80 -12.58 -6.93 -13.97
CA THR B 80 -13.87 -6.86 -13.29
C THR B 80 -13.86 -7.62 -11.97
N GLU B 81 -13.24 -8.77 -11.92
CA GLU B 81 -13.23 -9.59 -10.72
C GLU B 81 -12.44 -8.96 -9.60
N LEU B 82 -11.17 -8.71 -9.84
CA LEU B 82 -10.36 -8.07 -8.82
C LEU B 82 -10.89 -6.68 -8.48
N GLY B 83 -11.34 -5.94 -9.50
CA GLY B 83 -11.82 -4.59 -9.26
C GLY B 83 -13.03 -4.55 -8.34
N ALA B 84 -14.01 -5.43 -8.60
CA ALA B 84 -15.21 -5.45 -7.77
C ALA B 84 -14.88 -5.82 -6.33
N HIS B 85 -13.97 -6.78 -6.16
CA HIS B 85 -13.57 -7.18 -4.81
C HIS B 85 -12.89 -6.02 -4.08
N LEU B 86 -12.07 -5.25 -4.80
CA LEU B 86 -11.38 -4.12 -4.21
C LEU B 86 -12.35 -3.01 -3.80
N VAL B 87 -13.31 -2.69 -4.67
CA VAL B 87 -14.28 -1.63 -4.38
C VAL B 87 -15.21 -2.06 -3.28
N ARG B 88 -15.61 -3.33 -3.27
CA ARG B 88 -16.53 -3.82 -2.25
C ARG B 88 -15.87 -3.83 -0.87
N HIS B 89 -14.67 -4.43 -0.76
CA HIS B 89 -14.10 -4.80 0.54
C HIS B 89 -12.94 -3.93 1.02
N GLY B 90 -12.30 -3.18 0.13
CA GLY B 90 -10.96 -2.71 0.45
C GLY B 90 -9.97 -3.86 0.31
N ASP B 91 -8.71 -3.59 0.68
CA ASP B 91 -7.70 -4.63 0.76
C ASP B 91 -8.18 -5.72 1.71
N GLY B 92 -8.06 -6.99 1.29
CA GLY B 92 -8.51 -8.05 2.18
C GLY B 92 -8.13 -9.42 1.67
N VAL B 93 -8.38 -10.40 2.53
CA VAL B 93 -8.08 -11.80 2.23
C VAL B 93 -9.06 -12.31 1.18
N LYS B 94 -8.51 -12.89 0.11
CA LYS B 94 -9.29 -13.59 -0.91
C LYS B 94 -9.29 -15.10 -0.75
N ASP B 95 -8.15 -15.71 -0.39
CA ASP B 95 -8.00 -17.15 -0.46
C ASP B 95 -7.25 -17.63 0.77
N VAL B 96 -7.84 -18.55 1.50
CA VAL B 96 -7.19 -19.25 2.62
C VAL B 96 -6.83 -20.64 2.10
N ALA B 97 -5.56 -20.85 1.81
CA ALA B 97 -5.12 -22.06 1.13
C ALA B 97 -4.57 -23.07 2.11
N PHE B 98 -4.91 -24.34 1.86
CA PHE B 98 -4.53 -25.47 2.68
C PHE B 98 -3.56 -26.36 1.92
N THR B 99 -2.51 -26.82 2.60
CA THR B 99 -1.66 -27.89 2.09
C THR B 99 -2.38 -29.22 2.33
N VAL B 100 -2.48 -30.06 1.29
CA VAL B 100 -3.31 -31.26 1.39
C VAL B 100 -2.57 -32.49 0.91
N GLU B 101 -2.99 -33.64 1.45
CA GLU B 101 -2.74 -34.97 0.93
C GLU B 101 -4.01 -35.48 0.26
N ASP B 102 -3.84 -36.21 -0.85
CA ASP B 102 -4.95 -36.82 -1.60
C ASP B 102 -5.96 -35.76 -2.04
N LEU B 103 -5.46 -34.86 -2.88
CA LEU B 103 -6.33 -33.85 -3.48
C LEU B 103 -7.55 -34.47 -4.14
N ASP B 104 -7.36 -35.61 -4.84
CA ASP B 104 -8.46 -36.22 -5.59
C ASP B 104 -9.62 -36.58 -4.67
N VAL B 105 -9.33 -37.13 -3.49
CA VAL B 105 -10.39 -37.52 -2.58
C VAL B 105 -11.12 -36.30 -2.04
N ILE B 106 -10.37 -35.29 -1.60
CA ILE B 106 -10.97 -34.08 -1.04
C ILE B 106 -11.86 -33.39 -2.07
N VAL B 107 -11.35 -33.22 -3.29
CA VAL B 107 -12.11 -32.49 -4.30
C VAL B 107 -13.37 -33.27 -4.69
N LYS B 108 -13.23 -34.58 -4.92
CA LYS B 108 -14.38 -35.38 -5.30
C LYS B 108 -15.46 -35.31 -4.23
N ARG B 109 -15.06 -35.47 -2.96
CA ARG B 109 -16.00 -35.34 -1.86
C ARG B 109 -16.64 -33.96 -1.82
N ALA B 110 -15.80 -32.91 -1.87
CA ALA B 110 -16.31 -31.54 -1.82
C ALA B 110 -17.34 -31.29 -2.91
N LYS B 111 -17.04 -31.73 -4.13
CA LYS B 111 -17.95 -31.53 -5.25
C LYS B 111 -19.25 -32.29 -5.04
N GLN B 112 -19.18 -33.55 -4.61
CA GLN B 112 -20.38 -34.31 -4.28
C GLN B 112 -21.23 -33.61 -3.23
N ARG B 113 -20.60 -33.08 -2.18
CA ARG B 113 -21.34 -32.47 -1.07
C ARG B 113 -21.81 -31.05 -1.36
N GLY B 114 -21.57 -30.51 -2.55
CA GLY B 114 -22.15 -29.24 -2.94
C GLY B 114 -21.24 -28.02 -2.96
N ALA B 115 -19.93 -28.20 -2.91
CA ALA B 115 -19.03 -27.04 -3.01
C ALA B 115 -19.19 -26.37 -4.36
N GLU B 116 -19.14 -25.03 -4.37
CA GLU B 116 -19.03 -24.28 -5.61
C GLU B 116 -17.57 -24.30 -6.08
N VAL B 117 -17.34 -24.88 -7.26
CA VAL B 117 -15.97 -25.04 -7.74
C VAL B 117 -15.55 -23.75 -8.41
N VAL B 118 -14.47 -23.14 -7.91
CA VAL B 118 -13.88 -22.00 -8.59
C VAL B 118 -13.02 -22.48 -9.76
N ARG B 119 -12.22 -23.50 -9.53
CA ARG B 119 -11.41 -24.09 -10.60
C ARG B 119 -11.14 -25.53 -10.25
N ASP B 120 -11.50 -26.44 -11.14
CA ASP B 120 -11.30 -27.87 -10.93
C ASP B 120 -9.81 -28.18 -10.99
N ILE B 121 -9.47 -29.40 -10.56
CA ILE B 121 -8.08 -29.82 -10.42
C ILE B 121 -7.25 -29.44 -11.63
N TRP B 122 -6.18 -28.69 -11.39
CA TRP B 122 -5.17 -28.37 -12.39
C TRP B 122 -3.81 -28.56 -11.77
N GLU B 123 -2.78 -28.62 -12.61
CA GLU B 123 -1.43 -28.73 -12.13
C GLU B 123 -0.52 -27.81 -12.92
N GLU B 124 0.58 -27.42 -12.27
CA GLU B 124 1.59 -26.57 -12.86
C GLU B 124 2.94 -27.18 -12.51
N SER B 125 3.87 -27.11 -13.44
CA SER B 125 5.16 -27.77 -13.29
C SER B 125 6.28 -26.82 -13.71
N ASP B 126 7.45 -27.02 -13.11
CA ASP B 126 8.69 -26.44 -13.59
C ASP B 126 9.81 -27.42 -13.27
N GLU B 127 11.06 -26.93 -13.36
CA GLU B 127 12.22 -27.80 -13.18
C GLU B 127 12.22 -28.52 -11.83
N PHE B 128 11.57 -27.93 -10.81
CA PHE B 128 11.68 -28.43 -9.44
C PHE B 128 10.53 -29.35 -9.05
N GLY B 129 9.65 -29.72 -9.97
CA GLY B 129 8.60 -30.67 -9.68
C GLY B 129 7.24 -30.16 -10.08
N THR B 130 6.21 -30.81 -9.57
CA THR B 130 4.83 -30.53 -9.95
C THR B 130 3.97 -30.34 -8.70
N VAL B 131 3.06 -29.38 -8.77
CA VAL B 131 2.07 -29.15 -7.71
C VAL B 131 0.69 -29.22 -8.34
N ARG B 132 -0.26 -29.79 -7.62
CA ARG B 132 -1.64 -29.86 -8.05
C ARG B 132 -2.52 -29.03 -7.13
N PHE B 133 -3.54 -28.40 -7.72
CA PHE B 133 -4.40 -27.45 -7.04
C PHE B 133 -5.85 -27.70 -7.39
N ALA B 134 -6.74 -27.31 -6.47
CA ALA B 134 -8.13 -27.03 -6.80
C ALA B 134 -8.63 -25.94 -5.85
N THR B 135 -9.69 -25.25 -6.27
CA THR B 135 -10.19 -24.07 -5.56
C THR B 135 -11.70 -24.10 -5.45
N VAL B 136 -12.24 -23.99 -4.23
CA VAL B 136 -13.67 -23.90 -4.01
C VAL B 136 -14.00 -22.64 -3.23
N LYS B 137 -15.27 -22.24 -3.29
CA LYS B 137 -15.75 -21.08 -2.55
C LYS B 137 -16.01 -21.44 -1.10
N THR B 138 -15.80 -20.45 -0.22
CA THR B 138 -16.33 -20.54 1.14
C THR B 138 -17.15 -19.28 1.40
N TYR B 139 -17.14 -18.75 2.61
CA TYR B 139 -18.04 -17.64 2.94
C TYR B 139 -17.66 -16.35 2.21
N GLY B 140 -18.68 -15.53 1.96
CA GLY B 140 -18.47 -14.27 1.25
C GLY B 140 -17.82 -14.47 -0.10
N ASP B 141 -16.80 -13.67 -0.37
CA ASP B 141 -15.97 -13.79 -1.57
C ASP B 141 -14.70 -14.59 -1.32
N THR B 142 -14.58 -15.22 -0.15
CA THR B 142 -13.39 -15.98 0.22
C THR B 142 -13.42 -17.37 -0.41
N GLN B 143 -12.24 -17.88 -0.75
CA GLN B 143 -12.13 -19.20 -1.36
C GLN B 143 -11.06 -19.99 -0.64
N HIS B 144 -11.07 -21.30 -0.86
CA HIS B 144 -10.04 -22.21 -0.38
C HIS B 144 -9.40 -22.88 -1.58
N THR B 145 -8.11 -22.64 -1.76
CA THR B 145 -7.33 -23.45 -2.68
C THR B 145 -6.64 -24.56 -1.92
N PHE B 146 -6.84 -25.79 -2.39
CA PHE B 146 -6.13 -26.94 -1.87
C PHE B 146 -4.86 -27.13 -2.67
N VAL B 147 -3.74 -27.28 -1.97
CA VAL B 147 -2.42 -27.32 -2.59
C VAL B 147 -1.79 -28.66 -2.28
N GLU B 148 -1.68 -29.53 -3.28
CA GLU B 148 -0.99 -30.80 -3.10
C GLU B 148 0.45 -30.61 -3.54
N ARG B 149 1.26 -30.11 -2.62
CA ARG B 149 2.62 -29.74 -2.97
C ARG B 149 3.63 -30.84 -2.70
N LYS B 150 3.21 -31.91 -2.03
CA LYS B 150 4.10 -33.03 -1.74
C LYS B 150 5.39 -32.52 -1.11
N ASN B 151 6.51 -32.70 -1.81
CA ASN B 151 7.80 -32.23 -1.37
C ASN B 151 8.43 -31.32 -2.42
N TYR B 152 7.59 -30.48 -3.06
CA TYR B 152 8.04 -29.58 -4.12
C TYR B 152 9.25 -28.78 -3.67
N LYS B 153 10.31 -28.83 -4.49
CA LYS B 153 11.60 -28.31 -4.09
C LYS B 153 11.85 -26.88 -4.56
N GLY B 154 10.93 -26.30 -5.32
CA GLY B 154 11.10 -24.94 -5.82
C GLY B 154 10.93 -23.87 -4.75
N LEU B 155 10.85 -22.64 -5.24
CA LEU B 155 10.93 -21.47 -4.37
C LEU B 155 9.69 -21.34 -3.49
N PHE B 156 8.51 -21.36 -4.10
CA PHE B 156 7.26 -21.35 -3.34
C PHE B 156 6.27 -22.25 -4.08
N LEU B 157 6.03 -21.93 -5.35
CA LEU B 157 5.17 -22.70 -6.22
C LEU B 157 5.73 -22.58 -7.64
N PRO B 158 5.38 -23.49 -8.54
CA PRO B 158 5.90 -23.41 -9.91
C PRO B 158 5.56 -22.08 -10.57
N GLY B 159 6.52 -21.55 -11.32
CA GLY B 159 6.32 -20.33 -12.07
C GLY B 159 6.69 -19.06 -11.33
N TYR B 160 6.91 -19.13 -10.02
CA TYR B 160 7.33 -17.97 -9.24
C TYR B 160 8.85 -17.82 -9.31
N LYS B 161 9.29 -16.56 -9.31
CA LYS B 161 10.70 -16.24 -9.48
C LYS B 161 11.20 -15.45 -8.29
N ALA B 162 12.52 -15.44 -8.10
CA ALA B 162 13.11 -14.70 -7.00
C ALA B 162 12.79 -13.21 -7.17
N PRO B 163 12.67 -12.47 -6.06
CA PRO B 163 12.33 -11.05 -6.18
C PRO B 163 13.35 -10.30 -7.05
N LEU B 164 12.85 -9.29 -7.76
CA LEU B 164 13.70 -8.55 -8.70
C LEU B 164 14.81 -7.80 -7.97
N TYR B 165 14.54 -7.33 -6.75
CA TYR B 165 15.49 -6.49 -6.02
C TYR B 165 15.52 -6.92 -4.57
N ASP B 166 16.65 -6.64 -3.92
CA ASP B 166 16.77 -6.85 -2.49
C ASP B 166 16.01 -5.75 -1.75
N ASP B 167 16.08 -5.81 -0.42
CA ASP B 167 15.48 -4.78 0.41
C ASP B 167 16.39 -4.59 1.62
N VAL B 168 17.30 -3.63 1.53
CA VAL B 168 18.27 -3.46 2.60
C VAL B 168 17.60 -2.99 3.89
N LEU B 169 16.42 -2.37 3.77
CA LEU B 169 15.71 -1.93 4.97
C LEU B 169 15.11 -3.11 5.71
N ALA B 170 14.38 -3.97 4.99
CA ALA B 170 13.83 -5.16 5.63
C ALA B 170 14.92 -6.03 6.23
N LYS B 171 16.08 -6.10 5.56
CA LYS B 171 17.17 -6.94 6.05
C LYS B 171 17.81 -6.39 7.32
N GLN B 172 17.80 -5.08 7.54
CA GLN B 172 18.44 -4.56 8.75
C GLN B 172 17.52 -4.54 9.97
N LEU B 173 16.20 -4.69 9.78
CA LEU B 173 15.25 -4.53 10.86
C LEU B 173 15.22 -5.76 11.77
N PRO B 174 14.86 -5.59 13.05
CA PRO B 174 14.97 -6.71 14.00
C PRO B 174 13.92 -7.79 13.73
N ALA B 175 14.36 -9.05 13.85
CA ALA B 175 13.50 -10.17 13.52
C ALA B 175 12.37 -10.31 14.54
N THR B 176 11.18 -10.67 14.06
CA THR B 176 9.99 -10.66 14.89
C THR B 176 9.54 -12.04 15.36
N HIS B 177 10.12 -13.12 14.85
CA HIS B 177 10.00 -14.44 15.47
C HIS B 177 8.57 -14.98 15.46
N LEU B 178 7.84 -14.72 14.38
CA LEU B 178 6.55 -15.34 14.15
C LEU B 178 6.76 -16.61 13.34
N ASP B 179 6.09 -17.70 13.73
CA ASP B 179 6.42 -19.01 13.18
C ASP B 179 5.39 -19.58 12.22
N PHE B 180 4.11 -19.60 12.59
CA PHE B 180 3.11 -20.25 11.74
C PHE B 180 1.75 -19.62 12.02
N ILE B 181 0.78 -19.94 11.17
CA ILE B 181 -0.58 -19.42 11.33
C ILE B 181 -1.33 -20.26 12.38
N ASP B 182 -1.72 -19.61 13.48
CA ASP B 182 -2.43 -20.32 14.53
C ASP B 182 -3.89 -20.56 14.13
N HIS B 183 -4.56 -19.54 13.61
CA HIS B 183 -5.96 -19.69 13.21
C HIS B 183 -6.32 -18.49 12.35
N VAL B 184 -7.39 -18.65 11.57
CA VAL B 184 -7.90 -17.60 10.69
C VAL B 184 -9.39 -17.43 10.96
N VAL B 185 -9.81 -16.22 11.31
CA VAL B 185 -11.15 -15.95 11.79
C VAL B 185 -12.00 -15.30 10.70
N GLY B 186 -13.18 -15.88 10.45
CA GLY B 186 -14.12 -15.32 9.49
C GLY B 186 -15.37 -14.76 10.13
N ASN B 187 -15.62 -13.47 9.94
CA ASN B 187 -16.84 -12.84 10.43
C ASN B 187 -17.97 -13.04 9.42
N GLN B 188 -19.13 -13.47 9.90
CA GLN B 188 -20.32 -13.65 9.07
C GLN B 188 -21.39 -12.62 9.43
N PRO B 189 -22.32 -12.35 8.53
CA PRO B 189 -23.48 -11.52 8.86
C PRO B 189 -24.41 -12.24 9.83
N ASP B 190 -25.38 -11.49 10.36
CA ASP B 190 -26.35 -12.04 11.31
C ASP B 190 -26.88 -13.39 10.84
N LEU B 191 -26.98 -14.33 11.78
CA LEU B 191 -27.67 -15.59 11.62
C LEU B 191 -26.93 -16.59 10.73
N GLN B 192 -25.71 -16.28 10.28
CA GLN B 192 -25.03 -17.15 9.34
C GLN B 192 -23.97 -18.07 9.96
N MET B 193 -23.65 -17.92 11.25
CA MET B 193 -22.58 -18.71 11.85
C MET B 193 -22.82 -20.21 11.68
N GLU B 194 -24.01 -20.69 12.07
CA GLU B 194 -24.26 -22.13 12.05
C GLU B 194 -24.20 -22.71 10.64
N SER B 195 -24.82 -22.05 9.67
CA SER B 195 -24.79 -22.59 8.32
C SER B 195 -23.37 -22.61 7.75
N VAL B 196 -22.55 -21.59 8.06
CA VAL B 196 -21.17 -21.61 7.60
C VAL B 196 -20.39 -22.72 8.29
N ALA B 197 -20.59 -22.89 9.60
CA ALA B 197 -19.96 -24.00 10.31
C ALA B 197 -20.38 -25.35 9.72
N ALA B 198 -21.66 -25.49 9.37
CA ALA B 198 -22.12 -26.75 8.77
C ALA B 198 -21.50 -26.99 7.40
N TRP B 199 -21.21 -25.92 6.65
CA TRP B 199 -20.50 -26.09 5.39
C TRP B 199 -19.16 -26.77 5.61
N TYR B 200 -18.40 -26.30 6.60
CA TYR B 200 -17.12 -26.94 6.89
C TYR B 200 -17.31 -28.39 7.31
N GLU B 201 -18.33 -28.67 8.13
CA GLU B 201 -18.55 -30.03 8.58
C GLU B 201 -18.90 -30.95 7.42
N LYS B 202 -19.79 -30.50 6.54
CA LYS B 202 -20.31 -31.34 5.46
C LYS B 202 -19.36 -31.40 4.27
N VAL B 203 -18.84 -30.25 3.81
CA VAL B 203 -18.11 -30.23 2.55
C VAL B 203 -16.67 -30.70 2.74
N LEU B 204 -16.04 -30.28 3.83
CA LEU B 204 -14.64 -30.60 4.10
C LEU B 204 -14.47 -31.67 5.15
N MET B 205 -15.55 -32.06 5.83
CA MET B 205 -15.49 -32.99 6.97
C MET B 205 -14.57 -32.46 8.06
N PHE B 206 -14.67 -31.16 8.32
CA PHE B 206 -14.19 -30.63 9.58
C PHE B 206 -15.17 -31.04 10.68
N HIS B 207 -14.78 -30.78 11.93
CA HIS B 207 -15.67 -30.93 13.07
C HIS B 207 -15.51 -29.70 13.95
N ARG B 208 -16.42 -29.53 14.89
CA ARG B 208 -16.34 -28.41 15.82
C ARG B 208 -15.27 -28.66 16.86
N PHE B 209 -14.40 -27.67 17.08
CA PHE B 209 -13.32 -27.77 18.04
C PHE B 209 -13.76 -27.18 19.37
N TRP B 210 -13.63 -27.97 20.44
CA TRP B 210 -14.10 -27.56 21.77
C TRP B 210 -12.91 -27.15 22.63
N SER B 211 -12.96 -25.92 23.16
CA SER B 211 -11.91 -25.40 24.01
C SER B 211 -12.51 -24.92 25.33
N VAL B 212 -11.64 -24.48 26.23
CA VAL B 212 -12.07 -23.86 27.47
C VAL B 212 -12.99 -22.68 27.20
N ASP B 213 -12.82 -22.02 26.04
CA ASP B 213 -13.67 -20.89 25.70
C ASP B 213 -15.12 -21.32 25.45
N ASP B 214 -15.32 -22.53 24.91
CA ASP B 214 -16.67 -22.97 24.56
C ASP B 214 -17.50 -23.32 25.78
N SER B 215 -16.91 -23.35 26.97
CA SER B 215 -17.56 -23.77 28.21
C SER B 215 -18.05 -22.63 29.08
N GLN B 216 -17.61 -21.40 28.83
CA GLN B 216 -18.07 -20.23 29.57
C GLN B 216 -18.43 -19.15 28.57
N ILE B 217 -19.72 -18.83 28.48
CA ILE B 217 -20.20 -17.84 27.53
C ILE B 217 -19.75 -16.46 27.97
N HIS B 218 -19.43 -15.60 27.00
CA HIS B 218 -19.05 -14.21 27.25
C HIS B 218 -19.80 -13.28 26.32
N THR B 219 -21.05 -13.65 25.99
CA THR B 219 -21.82 -12.90 24.99
C THR B 219 -22.00 -11.45 25.40
N GLU B 220 -22.24 -11.19 26.69
CA GLU B 220 -22.49 -9.82 27.14
C GLU B 220 -21.30 -8.91 26.84
N TYR B 221 -20.08 -9.43 26.90
CA TYR B 221 -18.89 -8.62 26.68
C TYR B 221 -18.29 -8.76 25.29
N SER B 222 -18.48 -9.89 24.63
CA SER B 222 -17.92 -10.10 23.29
C SER B 222 -18.83 -9.57 22.19
N ALA B 223 -20.14 -9.55 22.44
CA ALA B 223 -21.15 -9.24 21.44
C ALA B 223 -20.98 -10.09 20.19
N LEU B 224 -20.73 -11.38 20.38
CA LEU B 224 -20.64 -12.29 19.24
C LEU B 224 -21.01 -13.70 19.68
N ARG B 225 -21.25 -14.55 18.69
CA ARG B 225 -21.21 -16.00 18.86
C ARG B 225 -20.10 -16.56 17.98
N SER B 226 -19.54 -17.69 18.40
CA SER B 226 -18.39 -18.26 17.74
C SER B 226 -18.46 -19.79 17.75
N ILE B 227 -18.09 -20.39 16.62
CA ILE B 227 -17.84 -21.82 16.52
C ILE B 227 -16.50 -21.99 15.82
N VAL B 228 -15.61 -22.80 16.40
CA VAL B 228 -14.33 -23.08 15.78
C VAL B 228 -14.42 -24.42 15.06
N MET B 229 -14.24 -24.40 13.74
CA MET B 229 -14.24 -25.60 12.94
C MET B 229 -12.80 -25.99 12.61
N THR B 230 -12.50 -27.28 12.71
CA THR B 230 -11.15 -27.75 12.51
C THR B 230 -11.18 -29.08 11.77
N ASN B 231 -10.07 -29.39 11.09
CA ASN B 231 -9.93 -30.65 10.40
C ASN B 231 -9.74 -31.80 11.40
N TYR B 232 -9.72 -33.03 10.87
CA TYR B 232 -9.78 -34.20 11.76
C TYR B 232 -8.60 -34.24 12.71
N GLU B 233 -7.40 -33.88 12.24
CA GLU B 233 -6.21 -33.89 13.08
C GLU B 233 -6.01 -32.59 13.83
N GLU B 234 -6.91 -31.61 13.65
CA GLU B 234 -6.87 -30.33 14.38
C GLU B 234 -5.53 -29.61 14.18
N THR B 235 -5.04 -29.63 12.94
CA THR B 235 -3.90 -28.83 12.52
C THR B 235 -4.31 -27.49 11.90
N VAL B 236 -5.57 -27.34 11.49
CA VAL B 236 -6.06 -26.12 10.87
C VAL B 236 -7.33 -25.69 11.62
N LYS B 237 -7.34 -24.44 12.10
CA LYS B 237 -8.43 -23.94 12.94
C LYS B 237 -9.07 -22.72 12.31
N MET B 238 -10.39 -22.78 12.15
CA MET B 238 -11.17 -21.77 11.42
C MET B 238 -12.34 -21.31 12.28
N PRO B 239 -12.12 -20.35 13.17
CA PRO B 239 -13.24 -19.75 13.89
C PRO B 239 -14.20 -19.02 12.97
N ILE B 240 -15.49 -19.16 13.27
CA ILE B 240 -16.60 -18.55 12.53
C ILE B 240 -17.41 -17.73 13.53
N ASN B 241 -17.52 -16.42 13.29
CA ASN B 241 -18.25 -15.52 14.17
C ASN B 241 -19.52 -15.00 13.50
N GLU B 242 -20.55 -14.76 14.30
CA GLU B 242 -21.68 -13.94 13.89
C GLU B 242 -21.94 -12.91 14.98
N PRO B 243 -22.62 -11.80 14.66
CA PRO B 243 -22.89 -10.79 15.69
C PRO B 243 -23.91 -11.30 16.71
N ALA B 244 -23.83 -10.76 17.91
CA ALA B 244 -24.79 -11.08 18.97
C ALA B 244 -25.01 -9.83 19.82
N LYS B 245 -26.16 -9.78 20.48
CA LYS B 245 -26.45 -8.67 21.38
C LYS B 245 -25.57 -8.74 22.62
N GLY B 246 -25.01 -7.60 23.02
CA GLY B 246 -24.18 -7.49 24.20
C GLY B 246 -24.23 -6.10 24.80
N LYS B 247 -23.30 -5.78 25.71
CA LYS B 247 -23.32 -4.49 26.39
C LYS B 247 -22.99 -3.33 25.46
N LYS B 248 -22.25 -3.58 24.38
CA LYS B 248 -21.84 -2.52 23.46
C LYS B 248 -21.96 -3.01 22.03
N LYS B 249 -21.94 -2.07 21.09
CA LYS B 249 -22.05 -2.37 19.67
C LYS B 249 -21.10 -3.51 19.28
N SER B 250 -21.63 -4.47 18.53
CA SER B 250 -20.87 -5.63 18.12
C SER B 250 -19.79 -5.26 17.11
N GLN B 251 -18.54 -5.64 17.40
CA GLN B 251 -17.48 -5.48 16.42
C GLN B 251 -17.71 -6.32 15.17
N ILE B 252 -18.43 -7.44 15.30
CA ILE B 252 -18.70 -8.29 14.13
C ILE B 252 -19.63 -7.57 13.17
N GLU B 253 -20.61 -6.83 13.71
CA GLU B 253 -21.51 -6.11 12.82
C GLU B 253 -20.78 -4.95 12.13
N GLU B 254 -19.89 -4.27 12.85
CA GLU B 254 -19.08 -3.23 12.24
C GLU B 254 -18.26 -3.79 11.10
N TYR B 255 -17.65 -4.97 11.31
CA TYR B 255 -16.87 -5.61 10.25
C TYR B 255 -17.71 -5.82 9.00
N VAL B 256 -18.86 -6.48 9.15
CA VAL B 256 -19.71 -6.79 8.00
C VAL B 256 -20.13 -5.52 7.28
N ASP B 257 -20.45 -4.47 8.03
CA ASP B 257 -20.89 -3.22 7.40
C ASP B 257 -19.76 -2.61 6.57
N TYR B 258 -18.55 -2.54 7.12
CA TYR B 258 -17.43 -1.89 6.44
C TYR B 258 -16.74 -2.79 5.43
N TYR B 259 -16.85 -4.12 5.57
CA TYR B 259 -16.29 -5.04 4.58
C TYR B 259 -17.27 -5.36 3.45
N GLY B 260 -18.55 -5.05 3.62
CA GLY B 260 -19.53 -5.36 2.59
C GLY B 260 -19.99 -6.80 2.55
N GLY B 261 -19.85 -7.55 3.63
CA GLY B 261 -20.25 -8.94 3.71
C GLY B 261 -19.26 -9.74 4.53
N ALA B 262 -19.35 -11.06 4.43
CA ALA B 262 -18.49 -11.92 5.22
C ALA B 262 -17.03 -11.82 4.76
N GLY B 263 -16.11 -12.01 5.70
CA GLY B 263 -14.72 -12.16 5.32
C GLY B 263 -13.84 -12.44 6.51
N VAL B 264 -12.55 -12.56 6.22
CA VAL B 264 -11.56 -12.85 7.26
C VAL B 264 -11.34 -11.59 8.08
N GLN B 265 -11.57 -11.69 9.40
CA GLN B 265 -11.39 -10.57 10.30
C GLN B 265 -9.98 -10.50 10.87
N HIS B 266 -9.39 -11.63 11.24
CA HIS B 266 -7.99 -11.58 11.65
C HIS B 266 -7.31 -12.90 11.40
N ILE B 267 -5.99 -12.81 11.30
CA ILE B 267 -5.11 -13.94 11.13
C ILE B 267 -4.19 -13.91 12.34
N ALA B 268 -4.14 -15.01 13.07
CA ALA B 268 -3.33 -15.10 14.28
C ALA B 268 -2.04 -15.83 13.97
N LEU B 269 -0.93 -15.28 14.44
CA LEU B 269 0.41 -15.75 14.10
C LEU B 269 1.07 -16.21 15.38
N ASN B 270 1.51 -17.47 15.41
CA ASN B 270 1.97 -18.11 16.63
C ASN B 270 3.45 -17.82 16.82
N THR B 271 3.84 -17.47 18.05
CA THR B 271 5.25 -17.23 18.37
C THR B 271 5.62 -17.98 19.64
N SER B 272 6.91 -18.28 19.77
CA SER B 272 7.44 -18.88 20.99
C SER B 272 8.26 -17.89 21.81
N ASP B 273 8.28 -16.60 21.43
CA ASP B 273 8.92 -15.58 22.25
C ASP B 273 8.16 -14.27 22.02
N ILE B 274 6.99 -14.16 22.66
CA ILE B 274 6.11 -13.04 22.33
C ILE B 274 6.69 -11.72 22.81
N ILE B 275 7.49 -11.73 23.89
CA ILE B 275 8.11 -10.48 24.35
C ILE B 275 9.05 -9.93 23.28
N THR B 276 9.93 -10.77 22.74
CA THR B 276 10.83 -10.30 21.68
C THR B 276 10.05 -9.94 20.43
N ALA B 277 9.02 -10.74 20.10
CA ALA B 277 8.18 -10.43 18.94
C ALA B 277 7.60 -9.03 19.04
N ILE B 278 6.98 -8.70 20.16
CA ILE B 278 6.27 -7.43 20.26
C ILE B 278 7.24 -6.27 20.41
N GLU B 279 8.35 -6.48 21.13
CA GLU B 279 9.37 -5.44 21.18
C GLU B 279 9.82 -5.07 19.77
N ASN B 280 10.07 -6.07 18.93
CA ASN B 280 10.66 -5.82 17.63
C ASN B 280 9.61 -5.38 16.60
N LEU B 281 8.35 -5.80 16.80
CA LEU B 281 7.26 -5.25 16.01
C LEU B 281 7.02 -3.79 16.36
N ARG B 282 7.06 -3.46 17.67
CA ARG B 282 6.92 -2.06 18.05
C ARG B 282 8.08 -1.21 17.52
N ALA B 283 9.29 -1.78 17.46
CA ALA B 283 10.42 -1.05 16.88
C ALA B 283 10.23 -0.77 15.39
N ARG B 284 9.39 -1.57 14.74
CA ARG B 284 9.08 -1.42 13.32
C ARG B 284 7.90 -0.49 13.09
N GLY B 285 7.39 0.16 14.15
CA GLY B 285 6.33 1.14 14.03
C GLY B 285 4.92 0.59 14.05
N MET B 286 4.77 -0.71 14.33
CA MET B 286 3.48 -1.34 14.47
C MET B 286 2.85 -0.86 15.78
N HIS B 287 1.52 -0.71 15.78
CA HIS B 287 0.80 -0.39 17.00
C HIS B 287 -0.23 -1.47 17.29
N PHE B 288 -0.65 -1.50 18.56
CA PHE B 288 -1.53 -2.55 19.09
C PHE B 288 -2.62 -1.90 19.93
N LEU B 289 -3.58 -2.72 20.34
CA LEU B 289 -4.71 -2.19 21.10
C LEU B 289 -4.22 -1.51 22.37
N SER B 290 -4.87 -0.41 22.72
CA SER B 290 -4.56 0.29 23.97
C SER B 290 -5.16 -0.50 25.13
N VAL B 291 -4.31 -0.87 26.09
CA VAL B 291 -4.75 -1.67 27.24
C VAL B 291 -4.59 -0.85 28.52
N PRO B 292 -5.68 -0.51 29.20
CA PRO B 292 -5.55 0.26 30.46
C PRO B 292 -4.81 -0.52 31.52
N ASN B 293 -4.12 0.20 32.40
CA ASN B 293 -3.31 -0.45 33.41
C ASN B 293 -4.14 -1.21 34.45
N THR B 294 -5.41 -0.86 34.62
CA THR B 294 -6.27 -1.62 35.51
C THR B 294 -6.33 -3.10 35.12
N TYR B 295 -6.22 -3.40 33.82
CA TYR B 295 -6.20 -4.78 33.36
C TYR B 295 -5.11 -5.59 34.06
N TYR B 296 -3.95 -4.97 34.30
CA TYR B 296 -2.85 -5.72 34.89
C TYR B 296 -2.88 -5.77 36.42
N ASP B 297 -3.50 -4.78 37.06
CA ASP B 297 -3.71 -4.87 38.50
C ASP B 297 -4.68 -6.02 38.83
N GLN B 298 -5.85 -5.99 38.19
CA GLN B 298 -6.80 -7.10 38.22
C GLN B 298 -6.38 -8.20 37.24
N LEU B 299 -5.20 -8.75 37.47
CA LEU B 299 -4.80 -9.99 36.84
C LEU B 299 -3.77 -10.62 37.75
N ARG B 300 -2.83 -9.81 38.24
CA ARG B 300 -1.94 -10.27 39.29
C ARG B 300 -2.72 -10.68 40.51
N GLU B 301 -3.84 -10.01 40.78
CA GLU B 301 -4.65 -10.32 41.95
C GLU B 301 -5.54 -11.53 41.69
N ARG B 302 -6.20 -11.58 40.52
CA ARG B 302 -6.95 -12.78 40.17
C ARG B 302 -6.05 -13.99 40.08
N LEU B 303 -4.81 -13.81 39.61
CA LEU B 303 -3.85 -14.91 39.60
C LEU B 303 -3.39 -15.30 40.99
N LYS B 304 -3.64 -14.47 42.00
CA LYS B 304 -3.29 -14.85 43.36
C LYS B 304 -4.03 -16.11 43.78
N SER B 305 -5.34 -16.15 43.50
CA SER B 305 -6.17 -17.33 43.77
C SER B 305 -5.99 -18.43 42.74
N SER B 306 -4.93 -18.38 41.93
CA SER B 306 -4.68 -19.37 40.90
C SER B 306 -3.31 -20.01 41.09
N LYS B 307 -3.18 -21.23 40.59
CA LYS B 307 -1.95 -22.02 40.71
C LYS B 307 -1.11 -22.04 39.43
N VAL B 308 -1.58 -21.43 38.34
CA VAL B 308 -0.79 -21.44 37.12
C VAL B 308 0.42 -20.53 37.30
N LYS B 309 1.55 -20.93 36.71
CA LYS B 309 2.80 -20.19 36.83
C LYS B 309 3.10 -19.49 35.51
N ILE B 310 3.07 -18.16 35.52
CA ILE B 310 3.39 -17.35 34.35
C ILE B 310 4.90 -17.28 34.23
N GLN B 311 5.45 -17.77 33.11
CA GLN B 311 6.90 -17.80 32.96
C GLN B 311 7.47 -16.44 32.53
N GLU B 312 6.75 -15.72 31.67
CA GLU B 312 7.23 -14.44 31.15
C GLU B 312 7.18 -13.36 32.23
N ASP B 313 8.11 -12.40 32.12
CA ASP B 313 8.14 -11.31 33.09
C ASP B 313 6.87 -10.46 32.98
N MET B 314 6.13 -10.37 34.09
CA MET B 314 4.81 -9.76 34.04
C MET B 314 4.86 -8.26 33.81
N ASP B 315 5.87 -7.57 34.38
CA ASP B 315 5.96 -6.13 34.14
C ASP B 315 6.22 -5.82 32.68
N THR B 316 6.98 -6.68 32.01
CA THR B 316 7.24 -6.48 30.59
C THR B 316 5.98 -6.72 29.78
N LEU B 317 5.20 -7.74 30.16
CA LEU B 317 3.92 -7.98 29.51
C LEU B 317 3.04 -6.75 29.60
N GLN B 318 2.96 -6.15 30.80
CA GLN B 318 2.17 -4.95 30.96
C GLN B 318 2.70 -3.80 30.13
N LYS B 319 4.02 -3.64 30.09
CA LYS B 319 4.61 -2.54 29.33
C LYS B 319 4.31 -2.66 27.85
N LEU B 320 4.29 -3.88 27.33
CA LEU B 320 4.04 -4.11 25.91
C LEU B 320 2.56 -4.19 25.57
N ASN B 321 1.69 -4.17 26.58
CA ASN B 321 0.25 -4.33 26.43
C ASN B 321 -0.13 -5.71 25.90
N ILE B 322 0.65 -6.73 26.27
CA ILE B 322 0.31 -8.11 25.94
C ILE B 322 -0.75 -8.62 26.91
N LEU B 323 -1.72 -9.35 26.36
CA LEU B 323 -2.82 -9.91 27.14
C LEU B 323 -2.52 -11.35 27.55
N ILE B 324 -3.24 -11.80 28.57
CA ILE B 324 -3.10 -13.15 29.13
C ILE B 324 -4.50 -13.71 29.35
N ASP B 325 -4.67 -14.99 29.00
CA ASP B 325 -5.84 -15.75 29.40
C ASP B 325 -5.35 -17.08 29.96
N TYR B 326 -6.00 -17.57 31.01
CA TYR B 326 -5.47 -18.74 31.69
C TYR B 326 -6.60 -19.51 32.36
N ASP B 327 -6.38 -20.82 32.49
CA ASP B 327 -7.14 -21.64 33.43
C ASP B 327 -6.17 -22.20 34.45
N GLU B 328 -6.49 -23.35 35.06
CA GLU B 328 -5.61 -23.89 36.08
C GLU B 328 -4.47 -24.71 35.49
N ASP B 329 -4.62 -25.19 34.24
CA ASP B 329 -3.63 -26.06 33.62
C ASP B 329 -2.66 -25.33 32.69
N GLY B 330 -2.95 -24.10 32.30
CA GLY B 330 -2.07 -23.42 31.37
C GLY B 330 -2.58 -22.03 31.07
N TYR B 331 -1.94 -21.40 30.10
CA TYR B 331 -2.30 -20.04 29.74
C TYR B 331 -1.81 -19.75 28.32
N LEU B 332 -2.34 -18.67 27.75
CA LEU B 332 -1.86 -18.16 26.48
C LEU B 332 -1.54 -16.67 26.64
N LEU B 333 -0.64 -16.19 25.78
CA LEU B 333 -0.38 -14.77 25.64
C LEU B 333 -0.83 -14.35 24.25
N GLN B 334 -1.42 -13.15 24.15
CA GLN B 334 -1.94 -12.70 22.86
C GLN B 334 -1.98 -11.18 22.83
N ILE B 335 -1.87 -10.63 21.61
CA ILE B 335 -1.96 -9.20 21.41
C ILE B 335 -2.48 -8.95 20.00
N PHE B 336 -3.22 -7.86 19.82
CA PHE B 336 -3.85 -7.55 18.54
C PHE B 336 -3.31 -6.25 17.97
N THR B 337 -2.93 -6.29 16.68
CA THR B 337 -2.48 -5.08 16.02
C THR B 337 -3.64 -4.12 15.81
N LYS B 338 -3.29 -2.86 15.60
CA LYS B 338 -4.23 -1.97 14.95
C LYS B 338 -4.51 -2.51 13.53
N ASN B 339 -5.49 -1.90 12.88
CA ASN B 339 -5.99 -2.44 11.63
C ASN B 339 -4.95 -2.28 10.53
N MET B 340 -4.99 -3.23 9.59
CA MET B 340 -4.10 -3.27 8.44
C MET B 340 -4.49 -2.28 7.35
N GLN B 341 -5.57 -1.55 7.56
CA GLN B 341 -6.12 -0.64 6.56
C GLN B 341 -7.02 0.34 7.30
N ASP B 342 -7.54 1.33 6.57
CA ASP B 342 -8.34 2.33 7.25
C ASP B 342 -9.72 1.78 7.60
N ARG B 343 -10.31 0.99 6.71
CA ARG B 343 -11.57 0.35 7.05
C ARG B 343 -11.42 -0.46 8.33
N PRO B 344 -12.41 -0.39 9.28
CA PRO B 344 -12.34 -1.21 10.50
C PRO B 344 -12.67 -2.66 10.20
N THR B 345 -11.76 -3.32 9.49
CA THR B 345 -12.02 -4.67 9.02
C THR B 345 -10.92 -5.61 9.52
N LEU B 346 -9.84 -5.79 8.75
CA LEU B 346 -8.82 -6.81 9.01
C LEU B 346 -7.78 -6.34 10.01
N PHE B 347 -7.39 -7.23 10.93
CA PHE B 347 -6.24 -6.99 11.80
C PHE B 347 -5.50 -8.29 12.00
N LEU B 348 -4.37 -8.24 12.71
CA LEU B 348 -3.55 -9.41 12.95
C LEU B 348 -3.46 -9.65 14.45
N GLU B 349 -3.14 -10.88 14.80
CA GLU B 349 -2.98 -11.29 16.18
C GLU B 349 -1.66 -12.04 16.32
N VAL B 350 -0.97 -11.81 17.42
CA VAL B 350 0.21 -12.61 17.77
C VAL B 350 -0.13 -13.35 19.03
N ILE B 351 0.17 -14.65 19.07
CA ILE B 351 -0.30 -15.50 20.16
C ILE B 351 0.79 -16.49 20.53
N GLN B 352 0.93 -16.74 21.83
CA GLN B 352 1.87 -17.74 22.32
C GLN B 352 1.12 -18.63 23.31
N ARG B 353 1.26 -19.95 23.14
CA ARG B 353 0.51 -20.94 23.91
C ARG B 353 1.42 -21.64 24.91
N HIS B 354 0.94 -21.78 26.16
CA HIS B 354 1.61 -22.55 27.23
C HIS B 354 0.58 -23.54 27.79
N GLY B 355 0.36 -24.65 27.09
CA GLY B 355 -0.57 -25.66 27.59
C GLY B 355 -2.00 -25.18 27.64
N HIS B 356 -2.44 -24.46 26.62
CA HIS B 356 -3.77 -23.85 26.61
C HIS B 356 -4.22 -23.77 25.16
N ASN B 357 -5.40 -24.30 24.87
CA ASN B 357 -5.91 -24.43 23.52
C ASN B 357 -7.00 -23.42 23.18
N GLY B 358 -7.30 -22.49 24.09
CA GLY B 358 -8.32 -21.49 23.87
C GLY B 358 -7.85 -20.38 22.93
N PHE B 359 -8.63 -19.29 22.92
CA PHE B 359 -8.41 -18.19 22.00
C PHE B 359 -8.49 -16.84 22.69
N GLY B 360 -8.55 -16.82 24.02
CA GLY B 360 -8.56 -15.59 24.78
C GLY B 360 -9.91 -15.06 25.17
N ALA B 361 -10.96 -15.89 25.16
CA ALA B 361 -12.31 -15.39 25.43
C ALA B 361 -12.45 -14.76 26.82
N GLY B 362 -11.66 -15.22 27.79
CA GLY B 362 -11.66 -14.57 29.09
C GLY B 362 -11.30 -13.10 29.03
N ASN B 363 -10.58 -12.67 27.99
CA ASN B 363 -10.20 -11.27 27.89
C ASN B 363 -11.33 -10.38 27.41
N PHE B 364 -12.42 -10.94 26.91
CA PHE B 364 -13.58 -10.11 26.54
C PHE B 364 -14.09 -9.35 27.76
N LYS B 365 -14.41 -10.07 28.84
CA LYS B 365 -14.85 -9.40 30.05
C LYS B 365 -13.72 -8.56 30.65
N ALA B 366 -12.51 -9.12 30.70
CA ALA B 366 -11.40 -8.45 31.38
C ALA B 366 -11.08 -7.11 30.73
N LEU B 367 -10.96 -7.09 29.40
CA LEU B 367 -10.66 -5.83 28.71
C LEU B 367 -11.84 -4.87 28.78
N PHE B 368 -13.06 -5.36 28.55
CA PHE B 368 -14.24 -4.50 28.51
C PHE B 368 -14.36 -3.68 29.79
N GLU B 369 -14.12 -4.31 30.94
CA GLU B 369 -14.31 -3.61 32.21
C GLU B 369 -13.21 -2.59 32.45
N ALA B 370 -11.98 -2.87 31.99
CA ALA B 370 -10.90 -1.90 32.14
C ALA B 370 -11.18 -0.64 31.32
N ILE B 371 -11.57 -0.82 30.06
CA ILE B 371 -11.91 0.33 29.20
C ILE B 371 -13.10 1.10 29.76
N GLU B 372 -14.10 0.39 30.27
CA GLU B 372 -15.29 1.06 30.80
C GLU B 372 -14.95 1.85 32.07
N ALA B 373 -14.34 1.18 33.05
CA ALA B 373 -13.90 1.87 34.27
C ALA B 373 -13.00 3.06 33.96
N ASP B 374 -12.12 2.89 32.97
CA ASP B 374 -11.23 3.97 32.54
C ASP B 374 -12.01 5.04 31.80
#